data_8ZKO
#
_entry.id   8ZKO
#
_cell.length_a   1.00
_cell.length_b   1.00
_cell.length_c   1.00
_cell.angle_alpha   90.00
_cell.angle_beta   90.00
_cell.angle_gamma   90.00
#
_symmetry.space_group_name_H-M   'P 1'
#
loop_
_entity.id
_entity.type
_entity.pdbx_description
1 polymer 'Monocarboxylate transporter 8'
2 non-polymer "3,5,3'TRIIODOTHYRONINE"
3 non-polymer 1,2-DIACYL-SN-GLYCERO-3-PHOSPHOCHOLINE
#
_entity_poly.entity_id   1
_entity_poly.type   'polypeptide(L)'
_entity_poly.pdbx_seq_one_letter_code
;MALQSQASEEAKGPWQEADQEQQEPVGSPEPESEPEPEPEPEPVPVPPPEPQPEPQPLPDPAPLPELEFESERVHEPEPT
PTVETRGTARGFQPPEGGFGWVVVFAATWCNGSIFGIHNSVGILYSMLLEEEKEKNRQVEFQAAWVGALAMGMIFFCSPI
VSIFTDRLGCRITATAGAAVAFIGLHTSSFTSSLSLRYFTYGILFGCGCSFAFQPSLVILGHYFQRRLGLANGVVSAGSS
IFSMSFPFLIRMLGDKIKLAQTFQVLSTFMFVLMLLSLTYRPLLPSSQDTPSKRGVRTLHQRFLAQLRKYFNMRVFRQRT
YRIWAFGIAAAALGYFVPYVHLMKYVEEEFSEIKETWVLLVCIGATSGLGRLVSGHISDSIPGLKKIYLQVLSFLLLGLM
SMMIPLCRDFGGLIVVCLFLGLCDGFFITIMAPIAFELVGPMQASQAIGYLLGMMALPMIAGPPIAGLLRNCFGDYHVAF
YFAGVPPIIGAVILFFVPLMHQRMFKKEQRDSSKDKMLAPDPDPNGELLPGSPNPEEPI
;
_entity_poly.pdbx_strand_id   A,B
#
# COMPACT_ATOMS: atom_id res chain seq x y z
N PRO A 94 0.03 -4.95 30.79
CA PRO A 94 -0.68 -3.92 30.03
C PRO A 94 -0.21 -2.51 30.35
N PRO A 95 0.28 -1.77 29.36
CA PRO A 95 0.78 -0.42 29.63
C PRO A 95 -0.27 0.50 30.23
N GLU A 96 -1.56 0.26 29.96
CA GLU A 96 -2.65 1.14 30.38
C GLU A 96 -2.56 2.50 29.70
N GLY A 97 -1.86 2.58 28.58
CA GLY A 97 -1.68 3.83 27.89
C GLY A 97 -0.36 3.82 27.13
N GLY A 98 0.32 4.95 27.13
CA GLY A 98 1.59 5.04 26.44
C GLY A 98 1.43 4.69 24.97
N PHE A 99 2.21 3.72 24.51
CA PHE A 99 2.14 3.31 23.12
C PHE A 99 0.74 2.85 22.74
N GLY A 100 -0.04 2.38 23.72
CA GLY A 100 -1.41 2.00 23.43
C GLY A 100 -2.19 3.11 22.78
N TRP A 101 -1.97 4.35 23.22
CA TRP A 101 -2.67 5.47 22.61
C TRP A 101 -2.38 5.55 21.12
N VAL A 102 -1.13 5.32 20.72
CA VAL A 102 -0.80 5.27 19.30
C VAL A 102 -1.69 4.24 18.62
N VAL A 103 -1.77 3.04 19.19
CA VAL A 103 -2.64 2.01 18.62
C VAL A 103 -4.07 2.54 18.52
N VAL A 104 -4.53 3.23 19.57
CA VAL A 104 -5.88 3.78 19.53
C VAL A 104 -6.08 4.61 18.29
N PHE A 105 -5.11 5.49 17.99
CA PHE A 105 -5.22 6.29 16.78
C PHE A 105 -5.43 5.40 15.57
N ALA A 106 -4.57 4.40 15.40
CA ALA A 106 -4.74 3.47 14.28
C ALA A 106 -6.14 2.87 14.30
N ALA A 107 -6.58 2.41 15.47
CA ALA A 107 -7.92 1.84 15.57
C ALA A 107 -8.95 2.81 15.03
N THR A 108 -8.87 4.07 15.47
CA THR A 108 -9.80 5.07 14.96
C THR A 108 -9.76 5.10 13.44
N TRP A 109 -8.56 5.24 12.88
CA TRP A 109 -8.42 5.38 11.43
C TRP A 109 -9.05 4.20 10.72
N CYS A 110 -9.37 3.14 11.37
CA CYS A 110 -10.02 2.07 10.71
C CYS A 110 -11.51 2.26 10.74
N ASN A 111 -12.17 2.28 11.88
CA ASN A 111 -13.57 2.42 11.90
C ASN A 111 -13.88 3.52 11.02
N GLY A 112 -13.35 4.69 11.22
CA GLY A 112 -13.71 5.83 10.46
C GLY A 112 -13.73 5.61 9.04
N SER A 113 -12.63 5.30 8.43
CA SER A 113 -12.57 4.91 7.04
C SER A 113 -13.55 3.85 6.59
N ILE A 114 -13.56 2.68 7.16
CA ILE A 114 -14.46 1.71 6.66
C ILE A 114 -15.85 2.19 6.68
N PHE A 115 -16.30 2.62 7.80
CA PHE A 115 -17.67 2.95 7.89
C PHE A 115 -17.99 4.20 7.14
N GLY A 116 -17.09 5.13 6.96
CA GLY A 116 -17.33 6.28 6.15
C GLY A 116 -17.39 6.01 4.68
N ILE A 117 -16.59 5.13 4.18
CA ILE A 117 -16.63 4.80 2.80
C ILE A 117 -17.85 4.00 2.56
N HIS A 118 -18.42 3.37 3.56
CA HIS A 118 -19.69 2.74 3.29
C HIS A 118 -20.87 3.71 3.46
N ASN A 119 -20.94 4.58 4.46
CA ASN A 119 -22.00 5.57 4.58
C ASN A 119 -22.13 6.41 3.32
N SER A 120 -21.07 6.51 2.52
CA SER A 120 -21.09 7.27 1.28
C SER A 120 -21.48 6.45 0.07
N VAL A 121 -21.71 5.14 0.25
CA VAL A 121 -21.92 4.26 -0.90
C VAL A 121 -23.05 4.79 -1.77
N GLY A 122 -24.15 5.19 -1.15
CA GLY A 122 -25.28 5.69 -1.94
C GLY A 122 -24.87 6.82 -2.85
N ILE A 123 -24.08 7.76 -2.33
CA ILE A 123 -23.64 8.88 -3.15
C ILE A 123 -22.95 8.36 -4.41
N LEU A 124 -22.05 7.39 -4.24
CA LEU A 124 -21.36 6.83 -5.39
C LEU A 124 -22.36 6.36 -6.44
N TYR A 125 -23.38 5.63 -6.00
CA TYR A 125 -24.35 5.13 -6.97
C TYR A 125 -25.00 6.27 -7.74
N SER A 126 -25.34 7.36 -7.04
CA SER A 126 -25.92 8.51 -7.73
C SER A 126 -24.99 8.96 -8.85
N MET A 127 -23.69 9.06 -8.54
CA MET A 127 -22.72 9.43 -9.57
C MET A 127 -22.75 8.42 -10.71
N LEU A 128 -22.80 7.13 -10.38
CA LEU A 128 -22.92 6.10 -11.40
C LEU A 128 -24.14 6.37 -12.29
N LEU A 129 -25.25 6.80 -11.69
CA LEU A 129 -26.43 7.11 -12.49
C LEU A 129 -26.13 8.24 -13.47
N GLU A 130 -25.40 9.26 -13.03
CA GLU A 130 -24.98 10.31 -13.95
C GLU A 130 -24.14 9.75 -15.08
N GLU A 131 -23.36 8.70 -14.81
CA GLU A 131 -22.60 8.01 -15.84
C GLU A 131 -23.37 6.85 -16.46
N GLU A 132 -24.54 6.50 -15.92
CA GLU A 132 -25.35 5.47 -16.55
C GLU A 132 -25.91 5.94 -17.88
N LYS A 133 -26.17 7.24 -18.01
CA LYS A 133 -26.66 7.82 -19.25
C LYS A 133 -25.47 8.16 -20.14
N GLU A 134 -25.72 8.94 -21.20
CA GLU A 134 -24.69 9.36 -22.14
C GLU A 134 -24.14 8.20 -22.97
N LYS A 135 -24.90 7.12 -23.11
CA LYS A 135 -24.48 5.98 -23.90
C LYS A 135 -25.64 5.01 -24.12
N GLU A 140 -31.06 -0.82 -12.97
CA GLU A 140 -32.16 -1.28 -12.13
C GLU A 140 -31.81 -1.08 -10.65
N PHE A 141 -32.71 -1.52 -9.77
CA PHE A 141 -32.55 -1.32 -8.33
C PHE A 141 -31.51 -2.32 -7.81
N GLN A 142 -30.24 -1.95 -7.99
CA GLN A 142 -29.12 -2.75 -7.51
C GLN A 142 -28.28 -2.05 -6.46
N ALA A 143 -28.47 -0.74 -6.26
CA ALA A 143 -27.64 -0.01 -5.30
C ALA A 143 -27.77 -0.60 -3.90
N ALA A 144 -29.01 -0.80 -3.44
CA ALA A 144 -29.21 -1.30 -2.08
C ALA A 144 -28.60 -2.68 -1.93
N TRP A 145 -28.70 -3.52 -2.95
CA TRP A 145 -28.18 -4.88 -2.85
C TRP A 145 -26.69 -4.88 -2.50
N VAL A 146 -25.88 -4.15 -3.27
CA VAL A 146 -24.44 -4.13 -3.02
C VAL A 146 -24.12 -3.36 -1.75
N GLY A 147 -24.83 -2.25 -1.51
CA GLY A 147 -24.59 -1.48 -0.31
C GLY A 147 -24.77 -2.30 0.95
N ALA A 148 -25.84 -3.11 1.00
CA ALA A 148 -26.04 -3.99 2.12
C ALA A 148 -25.11 -5.19 2.08
N LEU A 149 -24.72 -5.63 0.87
CA LEU A 149 -23.83 -6.78 0.75
C LEU A 149 -22.48 -6.50 1.38
N ALA A 150 -21.97 -5.28 1.24
CA ALA A 150 -20.66 -4.96 1.80
C ALA A 150 -20.67 -5.12 3.32
N MET A 151 -21.62 -4.46 3.99
CA MET A 151 -21.69 -4.56 5.45
C MET A 151 -22.02 -5.97 5.91
N GLY A 152 -22.94 -6.62 5.21
CA GLY A 152 -23.27 -7.99 5.54
C GLY A 152 -22.06 -8.89 5.44
N MET A 153 -21.23 -8.69 4.41
CA MET A 153 -20.02 -9.48 4.26
C MET A 153 -19.05 -9.21 5.40
N ILE A 154 -18.92 -7.94 5.80
CA ILE A 154 -18.12 -7.64 6.99
C ILE A 154 -18.55 -8.53 8.14
N PHE A 155 -19.83 -8.46 8.49
CA PHE A 155 -20.32 -9.20 9.65
C PHE A 155 -20.19 -10.72 9.46
N PHE A 156 -20.55 -11.22 8.28
CA PHE A 156 -20.52 -12.66 8.05
C PHE A 156 -19.10 -13.21 8.13
N CYS A 157 -18.13 -12.46 7.75
CA CYS A 157 -16.79 -12.98 7.74
C CYS A 157 -16.02 -12.78 8.96
N SER A 158 -16.64 -12.45 10.08
CA SER A 158 -15.89 -12.34 11.30
C SER A 158 -15.85 -13.63 11.99
N PRO A 159 -16.88 -14.42 11.94
CA PRO A 159 -16.68 -15.65 12.60
C PRO A 159 -15.34 -16.23 12.20
N ILE A 160 -14.78 -16.03 10.99
CA ILE A 160 -13.46 -16.52 10.47
C ILE A 160 -12.26 -15.62 10.71
N VAL A 161 -12.32 -14.35 10.49
CA VAL A 161 -11.31 -13.44 10.77
C VAL A 161 -10.85 -13.75 12.14
N SER A 162 -11.73 -14.21 13.00
CA SER A 162 -11.35 -14.59 14.35
C SER A 162 -10.46 -15.72 14.32
N ILE A 163 -10.82 -16.79 13.63
CA ILE A 163 -9.84 -17.88 13.51
C ILE A 163 -8.53 -17.32 13.21
N PHE A 164 -8.39 -16.50 12.20
CA PHE A 164 -7.02 -16.02 11.89
C PHE A 164 -6.42 -15.26 13.00
N THR A 165 -6.99 -14.18 13.44
CA THR A 165 -6.39 -13.35 14.45
C THR A 165 -6.03 -14.13 15.63
N ASP A 166 -6.64 -15.26 15.85
CA ASP A 166 -6.23 -16.09 16.95
C ASP A 166 -4.93 -16.72 16.57
N ARG A 167 -4.90 -17.39 15.42
CA ARG A 167 -3.67 -18.07 14.96
C ARG A 167 -2.59 -17.15 14.45
N LEU A 168 -2.84 -16.35 13.42
CA LEU A 168 -1.78 -15.51 12.86
C LEU A 168 -1.41 -14.38 13.81
N GLY A 169 -2.37 -13.51 14.12
CA GLY A 169 -2.15 -12.36 14.97
C GLY A 169 -2.88 -11.15 14.43
N CYS A 170 -3.00 -10.13 15.29
CA CYS A 170 -3.76 -8.94 14.91
C CYS A 170 -3.10 -8.21 13.75
N ARG A 171 -1.78 -8.05 13.79
CA ARG A 171 -1.10 -7.24 12.78
C ARG A 171 -1.23 -7.87 11.40
N ILE A 172 -0.95 -9.16 11.28
CA ILE A 172 -0.98 -9.81 9.97
C ILE A 172 -2.38 -9.77 9.39
N THR A 173 -3.38 -10.11 10.19
CA THR A 173 -4.76 -10.12 9.70
C THR A 173 -5.20 -8.72 9.30
N ALA A 174 -4.89 -7.72 10.13
CA ALA A 174 -5.29 -6.35 9.80
C ALA A 174 -4.63 -5.86 8.52
N THR A 175 -3.33 -6.14 8.36
CA THR A 175 -2.63 -5.71 7.16
C THR A 175 -3.19 -6.41 5.92
N ALA A 176 -3.47 -7.70 6.02
CA ALA A 176 -4.05 -8.42 4.89
C ALA A 176 -5.42 -7.85 4.52
N GLY A 177 -6.24 -7.57 5.53
CA GLY A 177 -7.54 -6.99 5.25
C GLY A 177 -7.44 -5.63 4.60
N ALA A 178 -6.52 -4.79 5.09
CA ALA A 178 -6.33 -3.48 4.48
C ALA A 178 -5.86 -3.61 3.03
N ALA A 179 -4.96 -4.56 2.77
CA ALA A 179 -4.49 -4.77 1.41
C ALA A 179 -5.62 -5.21 0.49
N VAL A 180 -6.45 -6.14 0.96
CA VAL A 180 -7.56 -6.59 0.13
C VAL A 180 -8.54 -5.46 -0.14
N ALA A 181 -8.80 -4.63 0.88
CA ALA A 181 -9.68 -3.48 0.68
C ALA A 181 -9.10 -2.51 -0.34
N PHE A 182 -7.79 -2.25 -0.24
CA PHE A 182 -7.15 -1.35 -1.19
C PHE A 182 -7.26 -1.89 -2.61
N ILE A 183 -7.01 -3.18 -2.80
CA ILE A 183 -7.10 -3.75 -4.13
C ILE A 183 -8.54 -3.72 -4.63
N GLY A 184 -9.51 -3.94 -3.74
CA GLY A 184 -10.90 -3.84 -4.15
C GLY A 184 -11.25 -2.46 -4.65
N LEU A 185 -10.86 -1.44 -3.90
CA LEU A 185 -11.14 -0.07 -4.35
C LEU A 185 -10.39 0.26 -5.64
N HIS A 186 -9.16 -0.19 -5.77
CA HIS A 186 -8.38 0.04 -6.99
C HIS A 186 -9.08 -0.56 -8.20
N THR A 187 -9.42 -1.85 -8.12
CA THR A 187 -10.07 -2.52 -9.24
C THR A 187 -11.46 -1.96 -9.50
N SER A 188 -12.14 -1.46 -8.48
CA SER A 188 -13.39 -0.74 -8.72
C SER A 188 -13.13 0.53 -9.52
N SER A 189 -12.04 1.22 -9.21
CA SER A 189 -11.68 2.40 -9.99
C SER A 189 -11.42 2.04 -11.45
N PHE A 190 -10.73 0.92 -11.69
CA PHE A 190 -10.37 0.56 -13.05
C PHE A 190 -11.60 0.15 -13.86
N THR A 191 -12.27 -0.92 -13.45
CA THR A 191 -13.30 -1.52 -14.29
C THR A 191 -14.46 -0.57 -14.51
N SER A 192 -15.01 -0.60 -15.72
CA SER A 192 -16.21 0.17 -16.09
C SER A 192 -17.26 -0.84 -16.53
N SER A 193 -17.99 -1.39 -15.58
CA SER A 193 -19.01 -2.40 -15.84
C SER A 193 -20.01 -2.38 -14.70
N LEU A 194 -20.88 -3.41 -14.66
CA LEU A 194 -21.91 -3.51 -13.64
C LEU A 194 -21.72 -4.73 -12.74
N SER A 195 -21.55 -5.93 -13.32
CA SER A 195 -21.37 -7.11 -12.50
C SER A 195 -19.99 -7.15 -11.86
N LEU A 196 -18.96 -6.81 -12.62
CA LEU A 196 -17.61 -6.83 -12.07
C LEU A 196 -17.46 -5.81 -10.95
N ARG A 197 -18.06 -4.63 -11.10
CA ARG A 197 -18.02 -3.64 -10.03
C ARG A 197 -18.69 -4.18 -8.78
N TYR A 198 -19.84 -4.82 -8.93
CA TYR A 198 -20.52 -5.40 -7.77
C TYR A 198 -19.63 -6.41 -7.07
N PHE A 199 -19.10 -7.37 -7.83
CA PHE A 199 -18.23 -8.38 -7.23
C PHE A 199 -17.06 -7.71 -6.51
N THR A 200 -16.33 -6.85 -7.21
CA THR A 200 -15.17 -6.21 -6.62
C THR A 200 -15.54 -5.50 -5.32
N TYR A 201 -16.36 -4.46 -5.43
CA TYR A 201 -16.71 -3.70 -4.25
C TYR A 201 -17.20 -4.62 -3.15
N GLY A 202 -18.34 -5.28 -3.35
CA GLY A 202 -18.90 -6.09 -2.29
C GLY A 202 -17.88 -7.04 -1.70
N ILE A 203 -17.47 -8.05 -2.47
CA ILE A 203 -16.66 -9.12 -1.90
C ILE A 203 -15.36 -8.57 -1.35
N LEU A 204 -14.53 -7.97 -2.21
CA LEU A 204 -13.19 -7.59 -1.79
C LEU A 204 -13.23 -6.56 -0.67
N PHE A 205 -13.97 -5.47 -0.85
CA PHE A 205 -13.97 -4.41 0.14
C PHE A 205 -14.54 -4.89 1.47
N GLY A 206 -15.65 -5.64 1.44
CA GLY A 206 -16.23 -6.12 2.69
C GLY A 206 -15.31 -7.09 3.43
N CYS A 207 -14.70 -8.03 2.70
CA CYS A 207 -13.80 -8.97 3.35
C CYS A 207 -12.60 -8.24 3.95
N GLY A 208 -11.99 -7.35 3.18
CA GLY A 208 -10.87 -6.59 3.72
C GLY A 208 -11.27 -5.75 4.91
N CYS A 209 -12.47 -5.17 4.88
CA CYS A 209 -12.94 -4.35 5.98
C CYS A 209 -13.11 -5.17 7.25
N SER A 210 -13.72 -6.35 7.14
CA SER A 210 -13.87 -7.20 8.31
C SER A 210 -12.51 -7.60 8.87
N PHE A 211 -11.60 -8.00 7.97
CA PHE A 211 -10.27 -8.44 8.41
C PHE A 211 -9.52 -7.32 9.10
N ALA A 212 -9.65 -6.09 8.61
CA ALA A 212 -8.98 -4.96 9.23
C ALA A 212 -9.73 -4.42 10.44
N PHE A 213 -11.00 -4.80 10.62
CA PHE A 213 -11.81 -4.22 11.68
C PHE A 213 -11.74 -5.02 12.97
N GLN A 214 -11.90 -6.34 12.90
CA GLN A 214 -11.91 -7.12 14.14
C GLN A 214 -10.59 -7.01 14.91
N PRO A 215 -9.42 -7.13 14.28
CA PRO A 215 -8.17 -7.00 15.02
C PRO A 215 -8.01 -5.67 15.72
N SER A 216 -8.65 -4.61 15.24
CA SER A 216 -8.55 -3.32 15.93
C SER A 216 -9.10 -3.42 17.35
N LEU A 217 -10.32 -3.95 17.49
CA LEU A 217 -10.89 -4.16 18.82
C LEU A 217 -10.02 -5.13 19.62
N VAL A 218 -9.57 -6.21 18.99
CA VAL A 218 -8.80 -7.20 19.73
C VAL A 218 -7.53 -6.58 20.31
N ILE A 219 -6.82 -5.77 19.51
CA ILE A 219 -5.57 -5.18 19.98
C ILE A 219 -5.85 -4.11 21.02
N LEU A 220 -6.91 -3.31 20.82
CA LEU A 220 -7.30 -2.37 21.86
C LEU A 220 -7.46 -3.08 23.20
N GLY A 221 -8.07 -4.26 23.19
CA GLY A 221 -8.14 -5.05 24.41
C GLY A 221 -6.78 -5.53 24.86
N HIS A 222 -5.91 -5.89 23.90
CA HIS A 222 -4.56 -6.33 24.25
C HIS A 222 -3.84 -5.32 25.13
N TYR A 223 -3.91 -4.04 24.75
CA TYR A 223 -3.04 -3.05 25.37
C TYR A 223 -3.56 -2.60 26.74
N PHE A 224 -4.76 -2.02 26.79
CA PHE A 224 -5.22 -1.39 28.03
C PHE A 224 -5.65 -2.43 29.06
N GLN A 225 -6.73 -3.15 28.77
CA GLN A 225 -7.18 -4.28 29.58
C GLN A 225 -7.76 -3.86 30.93
N ARG A 226 -7.62 -2.60 31.31
CA ARG A 226 -8.29 -2.06 32.49
C ARG A 226 -9.00 -0.76 32.19
N ARG A 227 -8.41 0.10 31.37
CA ARG A 227 -9.06 1.29 30.86
C ARG A 227 -9.73 1.03 29.52
N LEU A 228 -10.05 -0.23 29.21
CA LEU A 228 -10.61 -0.58 27.92
C LEU A 228 -11.86 0.23 27.61
N GLY A 229 -12.64 0.58 28.63
CA GLY A 229 -13.79 1.42 28.41
C GLY A 229 -13.41 2.77 27.83
N LEU A 230 -12.40 3.41 28.42
CA LEU A 230 -11.97 4.72 27.92
C LEU A 230 -11.42 4.62 26.51
N ALA A 231 -10.60 3.61 26.24
CA ALA A 231 -10.04 3.45 24.91
C ALA A 231 -11.14 3.22 23.87
N ASN A 232 -12.11 2.37 24.19
CA ASN A 232 -13.21 2.13 23.26
C ASN A 232 -14.05 3.37 23.07
N GLY A 233 -14.28 4.15 24.13
CA GLY A 233 -15.02 5.39 23.97
C GLY A 233 -14.31 6.38 23.07
N VAL A 234 -13.01 6.55 23.27
CA VAL A 234 -12.23 7.44 22.41
C VAL A 234 -12.29 6.98 20.97
N VAL A 235 -12.10 5.68 20.75
CA VAL A 235 -12.12 5.14 19.40
C VAL A 235 -13.48 5.37 18.75
N SER A 236 -14.56 5.11 19.49
CA SER A 236 -15.89 5.27 18.93
C SER A 236 -16.17 6.73 18.58
N ALA A 237 -15.81 7.65 19.48
CA ALA A 237 -16.05 9.07 19.21
C ALA A 237 -15.27 9.53 17.97
N GLY A 238 -13.98 9.21 17.92
CA GLY A 238 -13.18 9.61 16.78
C GLY A 238 -13.70 9.01 15.47
N SER A 239 -14.06 7.73 15.51
CA SER A 239 -14.58 7.07 14.32
C SER A 239 -15.89 7.70 13.87
N SER A 240 -16.76 8.03 14.81
CA SER A 240 -18.01 8.69 14.45
C SER A 240 -17.75 10.02 13.78
N ILE A 241 -16.85 10.82 14.34
CA ILE A 241 -16.55 12.13 13.74
C ILE A 241 -16.00 11.94 12.33
N PHE A 242 -15.06 11.01 12.17
CA PHE A 242 -14.45 10.78 10.86
C PHE A 242 -15.49 10.30 9.85
N SER A 243 -16.37 9.38 10.26
CA SER A 243 -17.37 8.84 9.34
C SER A 243 -18.37 9.91 8.92
N MET A 244 -18.76 10.78 9.85
CA MET A 244 -19.65 11.87 9.46
C MET A 244 -18.94 12.91 8.61
N SER A 245 -17.62 13.04 8.76
CA SER A 245 -16.89 14.00 7.93
C SER A 245 -16.70 13.49 6.51
N PHE A 246 -16.58 12.17 6.33
CA PHE A 246 -16.33 11.61 5.00
C PHE A 246 -17.31 12.06 3.93
N PRO A 247 -18.63 11.99 4.13
CA PRO A 247 -19.56 12.29 3.03
C PRO A 247 -19.37 13.67 2.42
N PHE A 248 -19.04 14.69 3.22
CA PHE A 248 -18.90 16.03 2.66
C PHE A 248 -17.80 16.07 1.60
N LEU A 249 -16.61 15.61 1.95
CA LEU A 249 -15.52 15.60 0.99
C LEU A 249 -15.82 14.67 -0.17
N ILE A 250 -16.44 13.52 0.10
CA ILE A 250 -16.73 12.58 -0.98
C ILE A 250 -17.65 13.22 -2.00
N ARG A 251 -18.71 13.89 -1.53
CA ARG A 251 -19.66 14.51 -2.46
C ARG A 251 -19.02 15.68 -3.19
N MET A 252 -18.17 16.45 -2.52
CA MET A 252 -17.55 17.58 -3.20
C MET A 252 -16.61 17.10 -4.31
N LEU A 253 -15.78 16.08 -4.03
CA LEU A 253 -14.96 15.51 -5.09
C LEU A 253 -15.80 14.92 -6.20
N GLY A 254 -16.87 14.20 -5.85
CA GLY A 254 -17.71 13.60 -6.86
C GLY A 254 -18.32 14.63 -7.79
N ASP A 255 -18.85 15.71 -7.22
CA ASP A 255 -19.33 16.81 -8.05
C ASP A 255 -18.19 17.50 -8.80
N LYS A 256 -16.94 17.33 -8.34
CA LYS A 256 -15.83 18.00 -9.01
C LYS A 256 -15.50 17.33 -10.34
N ILE A 257 -15.09 16.07 -10.32
CA ILE A 257 -14.52 15.46 -11.52
C ILE A 257 -15.26 14.19 -11.97
N LYS A 258 -15.19 13.12 -11.18
CA LYS A 258 -15.75 11.85 -11.62
C LYS A 258 -15.62 10.75 -10.56
N LEU A 259 -16.09 9.54 -10.90
CA LEU A 259 -16.17 8.46 -9.93
C LEU A 259 -14.83 7.75 -9.74
N ALA A 260 -14.08 7.53 -10.82
CA ALA A 260 -12.82 6.80 -10.70
C ALA A 260 -11.82 7.53 -9.82
N GLN A 261 -11.77 8.87 -9.93
CA GLN A 261 -10.91 9.64 -9.04
C GLN A 261 -11.35 9.47 -7.59
N THR A 262 -12.66 9.43 -7.35
CA THR A 262 -13.15 9.20 -5.99
C THR A 262 -12.68 7.86 -5.48
N PHE A 263 -12.77 6.81 -6.30
CA PHE A 263 -12.30 5.50 -5.88
C PHE A 263 -10.80 5.53 -5.61
N GLN A 264 -10.04 6.30 -6.38
CA GLN A 264 -8.62 6.44 -6.12
C GLN A 264 -8.37 7.07 -4.75
N VAL A 265 -9.13 8.12 -4.42
CA VAL A 265 -8.96 8.77 -3.12
C VAL A 265 -9.29 7.79 -1.99
N LEU A 266 -10.39 7.03 -2.15
CA LEU A 266 -10.73 6.05 -1.13
C LEU A 266 -9.64 4.99 -1.03
N SER A 267 -9.03 4.61 -2.15
CA SER A 267 -7.96 3.63 -2.13
C SER A 267 -6.75 4.14 -1.37
N THR A 268 -6.39 5.40 -1.55
CA THR A 268 -5.27 5.92 -0.77
C THR A 268 -5.62 6.01 0.71
N PHE A 269 -6.88 6.29 1.04
CA PHE A 269 -7.32 6.18 2.42
C PHE A 269 -7.09 4.79 2.97
N MET A 270 -7.45 3.77 2.19
CA MET A 270 -7.25 2.39 2.61
C MET A 270 -5.76 2.07 2.77
N PHE A 271 -4.92 2.62 1.89
CA PHE A 271 -3.48 2.41 2.00
C PHE A 271 -2.93 3.01 3.30
N VAL A 272 -3.36 4.22 3.64
CA VAL A 272 -2.93 4.82 4.90
C VAL A 272 -3.42 3.97 6.07
N LEU A 273 -4.62 3.40 5.95
CA LEU A 273 -5.11 2.51 6.99
C LEU A 273 -4.20 1.29 7.13
N MET A 274 -3.75 0.73 6.01
CA MET A 274 -2.79 -0.37 6.06
C MET A 274 -1.54 0.03 6.82
N LEU A 275 -0.97 1.18 6.46
CA LEU A 275 0.26 1.63 7.11
C LEU A 275 0.06 1.77 8.61
N LEU A 276 -1.07 2.36 9.02
CA LEU A 276 -1.33 2.52 10.44
C LEU A 276 -1.55 1.17 11.13
N SER A 277 -2.32 0.28 10.49
CA SER A 277 -2.57 -1.04 11.06
C SER A 277 -1.30 -1.84 11.21
N LEU A 278 -0.23 -1.48 10.48
CA LEU A 278 1.05 -2.14 10.68
C LEU A 278 1.65 -1.88 12.05
N THR A 279 0.98 -1.15 12.94
CA THR A 279 1.50 -0.84 14.27
C THR A 279 0.92 -1.71 15.38
N TYR A 280 0.15 -2.74 15.04
CA TYR A 280 -0.50 -3.60 16.04
C TYR A 280 0.53 -4.57 16.59
N ARG A 281 1.42 -4.04 17.42
CA ARG A 281 2.50 -4.85 18.00
C ARG A 281 1.91 -5.81 19.03
N PRO A 282 2.12 -7.12 18.91
CA PRO A 282 1.52 -8.06 19.86
C PRO A 282 2.05 -7.84 21.26
N LEU A 283 1.18 -8.08 22.25
CA LEU A 283 1.52 -7.91 23.66
C LEU A 283 1.07 -9.07 24.54
N LEU A 284 0.34 -10.05 24.00
CA LEU A 284 -0.11 -11.20 24.76
C LEU A 284 0.28 -12.48 24.04
N PRO A 285 0.45 -13.59 24.77
CA PRO A 285 0.83 -14.85 24.12
C PRO A 285 -0.17 -15.27 23.07
N SER A 286 0.33 -15.85 21.98
CA SER A 286 -0.52 -16.33 20.90
C SER A 286 -1.23 -17.61 21.31
N LEU A 304 -9.77 -33.98 8.55
CA LEU A 304 -11.12 -34.06 9.08
C LEU A 304 -11.21 -33.36 10.43
N ALA A 305 -10.15 -33.49 11.23
CA ALA A 305 -10.09 -32.83 12.53
C ALA A 305 -9.62 -31.39 12.44
N GLN A 306 -9.18 -30.95 11.26
CA GLN A 306 -8.73 -29.56 11.11
C GLN A 306 -9.87 -28.60 11.39
N LEU A 307 -11.06 -28.89 10.88
CA LEU A 307 -12.22 -28.05 11.18
C LEU A 307 -12.57 -28.09 12.65
N ARG A 308 -12.25 -29.19 13.34
CA ARG A 308 -12.59 -29.32 14.76
C ARG A 308 -11.63 -28.54 15.65
N LYS A 309 -10.47 -28.14 15.13
CA LYS A 309 -9.56 -27.28 15.87
C LYS A 309 -9.64 -25.83 15.43
N TYR A 310 -9.98 -25.58 14.16
CA TYR A 310 -10.17 -24.20 13.70
C TYR A 310 -11.51 -23.64 14.18
N PHE A 311 -12.50 -24.50 14.40
CA PHE A 311 -13.82 -24.07 14.82
C PHE A 311 -14.17 -24.68 16.16
N ASN A 312 -13.23 -24.59 17.11
CA ASN A 312 -13.43 -25.20 18.43
C ASN A 312 -14.75 -24.76 19.05
N MET A 313 -15.11 -23.49 18.88
CA MET A 313 -16.33 -22.95 19.50
C MET A 313 -16.31 -23.17 21.01
N ARG A 314 -15.14 -22.98 21.61
CA ARG A 314 -15.01 -23.16 23.05
C ARG A 314 -15.63 -22.00 23.81
N VAL A 315 -15.71 -20.81 23.21
CA VAL A 315 -16.29 -19.66 23.90
C VAL A 315 -17.78 -19.86 24.11
N PHE A 316 -18.41 -20.68 23.27
CA PHE A 316 -19.86 -20.86 23.37
C PHE A 316 -20.28 -21.67 24.58
N ARG A 317 -19.33 -22.24 25.32
CA ARG A 317 -19.61 -22.65 26.68
C ARG A 317 -19.73 -21.39 27.54
N GLN A 318 -19.86 -21.57 28.86
CA GLN A 318 -20.05 -20.44 29.76
C GLN A 318 -21.33 -19.69 29.39
N ARG A 319 -22.46 -20.38 29.63
CA ARG A 319 -23.75 -19.96 29.10
C ARG A 319 -24.05 -18.48 29.32
N THR A 320 -23.37 -17.82 30.26
CA THR A 320 -23.56 -16.38 30.40
C THR A 320 -23.24 -15.67 29.09
N TYR A 321 -22.12 -16.05 28.44
CA TYR A 321 -21.81 -15.50 27.14
C TYR A 321 -22.87 -15.88 26.12
N ARG A 322 -23.38 -17.10 26.20
CA ARG A 322 -24.42 -17.53 25.26
C ARG A 322 -25.64 -16.63 25.33
N ILE A 323 -26.13 -16.39 26.56
CA ILE A 323 -27.33 -15.57 26.71
C ILE A 323 -27.04 -14.13 26.35
N TRP A 324 -25.84 -13.63 26.68
CA TRP A 324 -25.47 -12.28 26.30
C TRP A 324 -25.50 -12.12 24.78
N ALA A 325 -24.89 -13.07 24.06
CA ALA A 325 -24.87 -13.00 22.61
C ALA A 325 -26.28 -13.11 22.03
N PHE A 326 -27.11 -14.00 22.60
CA PHE A 326 -28.49 -14.10 22.12
C PHE A 326 -29.22 -12.78 22.30
N GLY A 327 -29.07 -12.14 23.46
CA GLY A 327 -29.73 -10.86 23.69
C GLY A 327 -29.26 -9.78 22.74
N ILE A 328 -27.94 -9.69 22.53
CA ILE A 328 -27.42 -8.69 21.61
C ILE A 328 -27.91 -8.94 20.19
N ALA A 329 -27.92 -10.20 19.77
CA ALA A 329 -28.41 -10.52 18.43
C ALA A 329 -29.88 -10.14 18.27
N ALA A 330 -30.70 -10.45 19.28
CA ALA A 330 -32.12 -10.08 19.20
C ALA A 330 -32.28 -8.56 19.16
N ALA A 331 -31.49 -7.84 19.96
CA ALA A 331 -31.62 -6.39 20.00
C ALA A 331 -31.18 -5.76 18.69
N ALA A 332 -30.18 -6.33 18.04
CA ALA A 332 -29.66 -5.74 16.80
C ALA A 332 -30.69 -5.76 15.68
N LEU A 333 -31.76 -6.53 15.82
CA LEU A 333 -32.76 -6.63 14.76
C LEU A 333 -33.43 -5.29 14.47
N GLY A 334 -33.37 -4.34 15.40
CA GLY A 334 -34.03 -3.06 15.22
C GLY A 334 -33.09 -1.87 15.33
N TYR A 335 -31.87 -2.01 14.81
CA TYR A 335 -30.84 -1.00 14.94
C TYR A 335 -30.75 -0.06 13.74
N PHE A 336 -30.79 -0.60 12.52
CA PHE A 336 -30.57 0.18 11.32
C PHE A 336 -31.82 0.84 10.78
N VAL A 337 -32.98 0.60 11.39
CA VAL A 337 -34.24 1.16 10.90
C VAL A 337 -34.33 2.65 11.22
N PRO A 338 -34.19 3.05 12.49
CA PRO A 338 -34.62 4.40 12.87
C PRO A 338 -33.67 5.51 12.43
N TYR A 339 -32.74 5.21 11.52
CA TYR A 339 -31.92 6.23 10.89
C TYR A 339 -32.27 6.41 9.42
N VAL A 340 -32.13 5.35 8.62
CA VAL A 340 -32.48 5.45 7.21
C VAL A 340 -33.98 5.66 7.04
N HIS A 341 -34.78 4.86 7.73
CA HIS A 341 -36.22 5.05 7.63
C HIS A 341 -36.66 6.36 8.27
N LEU A 342 -35.99 6.79 9.34
CA LEU A 342 -36.32 8.09 9.93
C LEU A 342 -36.09 9.22 8.94
N MET A 343 -34.94 9.20 8.25
CA MET A 343 -34.68 10.22 7.24
C MET A 343 -35.70 10.17 6.11
N LYS A 344 -36.01 8.97 5.60
CA LYS A 344 -36.96 8.88 4.50
C LYS A 344 -38.35 9.33 4.94
N TYR A 345 -38.69 9.11 6.22
CA TYR A 345 -40.01 9.46 6.72
C TYR A 345 -40.13 10.95 6.99
N VAL A 346 -39.05 11.59 7.46
CA VAL A 346 -39.09 13.03 7.65
C VAL A 346 -39.04 13.74 6.29
N GLU A 347 -38.34 13.16 5.32
CA GLU A 347 -38.34 13.73 3.98
C GLU A 347 -39.72 13.61 3.33
N GLU A 348 -40.36 12.45 3.45
CA GLU A 348 -41.66 12.24 2.85
C GLU A 348 -42.75 12.96 3.65
N GLU A 349 -42.92 12.57 4.90
CA GLU A 349 -43.85 13.22 5.82
C GLU A 349 -43.09 14.22 6.69
N PHE A 350 -43.82 15.16 7.27
CA PHE A 350 -43.23 16.21 8.10
C PHE A 350 -42.45 17.20 7.25
N SER A 351 -42.96 17.49 6.06
CA SER A 351 -42.30 18.38 5.11
C SER A 351 -42.52 19.83 5.54
N GLU A 352 -42.24 20.77 4.62
CA GLU A 352 -42.44 22.19 4.87
C GLU A 352 -41.46 22.70 5.95
N ILE A 353 -40.40 21.93 6.18
CA ILE A 353 -39.38 22.27 7.16
C ILE A 353 -38.07 22.56 6.43
N LYS A 354 -37.22 23.38 7.06
CA LYS A 354 -36.05 23.96 6.39
C LYS A 354 -34.86 23.01 6.53
N GLU A 355 -34.64 22.21 5.48
CA GLU A 355 -33.39 21.48 5.26
C GLU A 355 -33.21 20.29 6.19
N THR A 356 -34.04 20.16 7.22
CA THR A 356 -34.14 18.95 8.04
C THR A 356 -32.77 18.40 8.45
N TRP A 357 -31.75 19.26 8.51
CA TRP A 357 -30.41 18.82 8.90
C TRP A 357 -30.23 18.75 10.41
N VAL A 358 -31.12 19.39 11.16
CA VAL A 358 -30.99 19.43 12.61
C VAL A 358 -31.00 18.01 13.19
N LEU A 359 -31.88 17.16 12.68
CA LEU A 359 -31.95 15.79 13.17
C LEU A 359 -30.60 15.10 13.01
N LEU A 360 -30.03 15.16 11.80
CA LEU A 360 -28.78 14.43 11.55
C LEU A 360 -27.65 14.98 12.41
N VAL A 361 -27.53 16.30 12.47
CA VAL A 361 -26.41 16.90 13.20
C VAL A 361 -26.52 16.60 14.69
N CYS A 362 -27.73 16.73 15.26
CA CYS A 362 -27.90 16.44 16.68
C CYS A 362 -27.66 14.95 16.96
N ILE A 363 -28.14 14.08 16.09
CA ILE A 363 -27.89 12.65 16.25
C ILE A 363 -26.39 12.39 16.33
N GLY A 364 -25.63 12.95 15.38
CA GLY A 364 -24.21 12.70 15.38
C GLY A 364 -23.50 13.25 16.61
N ALA A 365 -23.82 14.50 16.96
CA ALA A 365 -23.15 15.12 18.10
C ALA A 365 -23.45 14.37 19.39
N THR A 366 -24.72 14.08 19.64
CA THR A 366 -25.07 13.38 20.87
C THR A 366 -24.54 11.95 20.86
N SER A 367 -24.46 11.31 19.69
CA SER A 367 -23.89 9.96 19.63
C SER A 367 -22.42 9.98 20.01
N GLY A 368 -21.67 10.95 19.49
CA GLY A 368 -20.26 11.06 19.87
C GLY A 368 -20.09 11.33 21.35
N LEU A 369 -20.86 12.27 21.88
CA LEU A 369 -20.77 12.58 23.30
C LEU A 369 -21.12 11.37 24.15
N GLY A 370 -22.18 10.65 23.77
CA GLY A 370 -22.56 9.46 24.51
C GLY A 370 -21.51 8.37 24.43
N ARG A 371 -20.89 8.20 23.27
CA ARG A 371 -19.80 7.23 23.15
C ARG A 371 -18.70 7.56 24.13
N LEU A 372 -18.26 8.82 24.17
CA LEU A 372 -17.19 9.20 25.07
C LEU A 372 -17.61 8.97 26.53
N VAL A 373 -18.81 9.43 26.89
CA VAL A 373 -19.23 9.36 28.30
C VAL A 373 -19.38 7.92 28.74
N SER A 374 -19.96 7.07 27.88
CA SER A 374 -20.14 5.66 28.23
C SER A 374 -18.81 4.95 28.32
N GLY A 375 -17.89 5.25 27.41
CA GLY A 375 -16.55 4.69 27.52
C GLY A 375 -15.90 5.04 28.84
N HIS A 376 -16.06 6.28 29.28
CA HIS A 376 -15.49 6.67 30.57
C HIS A 376 -16.17 5.96 31.73
N ILE A 377 -17.50 5.98 31.77
CA ILE A 377 -18.21 5.50 32.96
C ILE A 377 -18.10 3.98 33.08
N SER A 378 -18.14 3.27 31.95
CA SER A 378 -18.08 1.81 32.00
C SER A 378 -16.82 1.33 32.72
N ASP A 379 -15.76 2.14 32.71
CA ASP A 379 -14.53 1.77 33.41
C ASP A 379 -14.75 1.61 34.91
N SER A 380 -15.79 2.23 35.46
CA SER A 380 -15.98 2.26 36.91
C SER A 380 -16.73 1.05 37.45
N ILE A 381 -17.67 0.52 36.69
CA ILE A 381 -18.50 -0.59 37.20
C ILE A 381 -17.63 -1.83 37.35
N PRO A 382 -17.69 -2.54 38.49
CA PRO A 382 -16.70 -3.60 38.77
C PRO A 382 -16.66 -4.72 37.73
N GLY A 383 -17.77 -5.42 37.54
CA GLY A 383 -17.77 -6.64 36.75
C GLY A 383 -18.92 -6.77 35.78
N LEU A 384 -19.69 -7.86 35.90
CA LEU A 384 -20.81 -8.09 35.01
C LEU A 384 -21.92 -7.06 35.17
N LYS A 385 -21.86 -6.24 36.22
CA LYS A 385 -22.82 -5.15 36.35
C LYS A 385 -22.74 -4.21 35.15
N LYS A 386 -21.63 -4.23 34.42
CA LYS A 386 -21.53 -3.44 33.20
C LYS A 386 -22.69 -3.75 32.26
N ILE A 387 -23.15 -5.00 32.25
CA ILE A 387 -24.24 -5.38 31.35
C ILE A 387 -25.46 -4.51 31.59
N TYR A 388 -25.67 -4.08 32.84
CA TYR A 388 -26.83 -3.24 33.13
C TYR A 388 -26.81 -1.98 32.28
N LEU A 389 -25.63 -1.38 32.10
CA LEU A 389 -25.52 -0.20 31.26
C LEU A 389 -26.15 -0.45 29.90
N GLN A 390 -25.95 -1.63 29.33
CA GLN A 390 -26.62 -1.98 28.08
C GLN A 390 -28.12 -2.04 28.29
N VAL A 391 -28.57 -2.82 29.28
CA VAL A 391 -30.00 -3.04 29.47
C VAL A 391 -30.74 -1.71 29.45
N LEU A 392 -30.40 -0.83 30.39
CA LEU A 392 -30.99 0.49 30.44
C LEU A 392 -31.06 1.10 29.04
N SER A 393 -29.90 1.28 28.41
CA SER A 393 -29.88 1.92 27.10
C SER A 393 -30.80 1.18 26.14
N PHE A 394 -30.71 -0.15 26.11
CA PHE A 394 -31.59 -0.93 25.25
C PHE A 394 -33.04 -0.49 25.43
N LEU A 395 -33.52 -0.52 26.66
CA LEU A 395 -34.91 -0.14 26.90
C LEU A 395 -35.17 1.23 26.30
N LEU A 396 -34.32 2.21 26.64
CA LEU A 396 -34.51 3.56 26.11
C LEU A 396 -34.67 3.52 24.60
N LEU A 397 -33.74 2.84 23.92
CA LEU A 397 -33.82 2.75 22.47
C LEU A 397 -35.23 2.40 22.04
N GLY A 398 -35.75 1.29 22.55
CA GLY A 398 -37.09 0.87 22.18
C GLY A 398 -38.08 2.01 22.35
N LEU A 399 -38.12 2.59 23.55
CA LEU A 399 -39.03 3.70 23.81
C LEU A 399 -38.77 4.82 22.81
N MET A 400 -37.51 5.21 22.63
CA MET A 400 -37.21 6.32 21.74
C MET A 400 -37.63 6.04 20.31
N SER A 401 -37.86 4.77 19.95
CA SER A 401 -38.45 4.47 18.65
C SER A 401 -39.97 4.60 18.71
N MET A 402 -40.60 3.96 19.70
CA MET A 402 -42.05 3.96 19.78
C MET A 402 -42.64 5.34 19.99
N MET A 403 -41.83 6.32 20.41
CA MET A 403 -42.28 7.68 20.61
C MET A 403 -41.77 8.63 19.54
N ILE A 404 -41.33 8.10 18.39
CA ILE A 404 -40.92 8.94 17.28
C ILE A 404 -42.14 9.53 16.58
N PRO A 405 -43.12 8.73 16.17
CA PRO A 405 -44.24 9.25 15.38
C PRO A 405 -45.39 9.85 16.18
N LEU A 406 -45.20 10.14 17.46
CA LEU A 406 -46.28 10.65 18.30
C LEU A 406 -46.29 12.16 18.43
N CYS A 407 -45.36 12.87 17.79
CA CYS A 407 -45.25 14.32 17.90
C CYS A 407 -45.61 14.96 16.57
N ARG A 408 -46.52 15.94 16.61
CA ARG A 408 -46.97 16.60 15.39
C ARG A 408 -46.01 17.70 14.93
N ASP A 409 -45.09 18.14 15.80
CA ASP A 409 -44.14 19.18 15.47
C ASP A 409 -42.71 18.65 15.62
N PHE A 410 -41.77 19.34 14.97
CA PHE A 410 -40.38 18.95 15.04
C PHE A 410 -39.77 19.14 16.42
N GLY A 411 -40.44 19.87 17.32
CA GLY A 411 -39.88 20.09 18.64
C GLY A 411 -39.63 18.79 19.38
N GLY A 412 -40.62 17.90 19.39
CA GLY A 412 -40.42 16.58 19.96
C GLY A 412 -39.42 15.74 19.19
N LEU A 413 -39.36 15.93 17.87
CA LEU A 413 -38.43 15.17 17.05
C LEU A 413 -36.99 15.47 17.43
N ILE A 414 -36.68 16.74 17.71
CA ILE A 414 -35.31 17.08 18.11
C ILE A 414 -34.92 16.29 19.35
N VAL A 415 -35.79 16.30 20.37
CA VAL A 415 -35.47 15.62 21.62
C VAL A 415 -35.37 14.12 21.42
N VAL A 416 -36.30 13.53 20.66
CA VAL A 416 -36.27 12.09 20.47
C VAL A 416 -35.03 11.67 19.70
N CYS A 417 -34.61 12.48 18.73
CA CYS A 417 -33.38 12.18 18.00
C CYS A 417 -32.16 12.31 18.92
N LEU A 418 -32.14 13.33 19.77
CA LEU A 418 -31.05 13.47 20.73
C LEU A 418 -30.93 12.21 21.60
N PHE A 419 -32.06 11.77 22.16
CA PHE A 419 -32.06 10.59 23.01
C PHE A 419 -31.63 9.34 22.21
N LEU A 420 -32.13 9.22 20.98
CA LEU A 420 -31.78 8.08 20.14
C LEU A 420 -30.28 8.01 19.93
N GLY A 421 -29.67 9.14 19.57
CA GLY A 421 -28.22 9.16 19.35
C GLY A 421 -27.45 8.86 20.62
N LEU A 422 -27.90 9.41 21.75
CA LEU A 422 -27.21 9.15 23.01
C LEU A 422 -27.23 7.66 23.34
N CYS A 423 -28.39 7.02 23.22
CA CYS A 423 -28.50 5.60 23.51
C CYS A 423 -27.68 4.77 22.53
N ASP A 424 -27.69 5.15 21.25
CA ASP A 424 -26.88 4.44 20.26
C ASP A 424 -25.41 4.48 20.64
N GLY A 425 -24.92 5.66 21.02
CA GLY A 425 -23.53 5.76 21.44
C GLY A 425 -23.24 4.90 22.66
N PHE A 426 -24.11 5.00 23.67
CA PHE A 426 -24.00 4.15 24.85
C PHE A 426 -23.76 2.70 24.45
N PHE A 427 -24.71 2.13 23.70
CA PHE A 427 -24.66 0.71 23.36
C PHE A 427 -23.41 0.38 22.53
N ILE A 428 -23.12 1.19 21.51
CA ILE A 428 -22.02 0.89 20.61
C ILE A 428 -20.72 0.84 21.38
N THR A 429 -20.45 1.87 22.18
CA THR A 429 -19.18 1.91 22.90
C THR A 429 -19.13 0.86 24.00
N ILE A 430 -20.28 0.52 24.59
CA ILE A 430 -20.28 -0.43 25.70
C ILE A 430 -19.96 -1.85 25.22
N MET A 431 -20.40 -2.21 24.02
CA MET A 431 -20.34 -3.61 23.60
C MET A 431 -19.06 -4.36 23.99
N ALA A 432 -17.90 -3.91 23.48
CA ALA A 432 -16.69 -4.74 23.49
C ALA A 432 -16.07 -4.93 24.88
N PRO A 433 -15.98 -3.89 25.71
CA PRO A 433 -15.46 -4.10 27.06
C PRO A 433 -16.20 -5.19 27.82
N ILE A 434 -17.52 -5.29 27.62
CA ILE A 434 -18.27 -6.34 28.30
C ILE A 434 -17.83 -7.71 27.80
N ALA A 435 -17.58 -7.84 26.49
CA ALA A 435 -17.10 -9.12 25.97
C ALA A 435 -15.76 -9.48 26.59
N PHE A 436 -14.84 -8.52 26.66
CA PHE A 436 -13.53 -8.79 27.24
C PHE A 436 -13.65 -9.18 28.71
N GLU A 437 -14.51 -8.50 29.45
CA GLU A 437 -14.73 -8.86 30.85
C GLU A 437 -15.34 -10.25 30.97
N LEU A 438 -16.26 -10.59 30.07
CA LEU A 438 -16.96 -11.87 30.16
C LEU A 438 -16.03 -13.04 29.89
N VAL A 439 -15.41 -13.06 28.71
CA VAL A 439 -14.67 -14.23 28.26
C VAL A 439 -13.18 -14.13 28.54
N GLY A 440 -12.70 -13.01 29.07
CA GLY A 440 -11.30 -12.83 29.33
C GLY A 440 -10.56 -12.38 28.09
N PRO A 441 -9.27 -12.06 28.23
CA PRO A 441 -8.52 -11.51 27.10
C PRO A 441 -8.07 -12.55 26.09
N MET A 442 -7.77 -13.76 26.56
CA MET A 442 -7.24 -14.78 25.66
C MET A 442 -8.25 -15.14 24.57
N GLN A 443 -9.52 -15.32 24.94
CA GLN A 443 -10.55 -15.72 24.00
C GLN A 443 -11.56 -14.60 23.75
N ALA A 444 -11.12 -13.35 23.84
CA ALA A 444 -11.99 -12.23 23.50
C ALA A 444 -12.14 -12.06 21.99
N SER A 445 -11.10 -12.42 21.22
CA SER A 445 -11.19 -12.30 19.78
C SER A 445 -12.29 -13.21 19.23
N GLN A 446 -12.34 -14.45 19.69
CA GLN A 446 -13.39 -15.37 19.23
C GLN A 446 -14.77 -14.87 19.65
N ALA A 447 -14.89 -14.38 20.88
CA ALA A 447 -16.18 -13.87 21.34
C ALA A 447 -16.65 -12.71 20.47
N ILE A 448 -15.75 -11.76 20.19
CA ILE A 448 -16.11 -10.60 19.38
C ILE A 448 -16.49 -11.06 17.97
N GLY A 449 -15.70 -11.96 17.39
CA GLY A 449 -15.97 -12.39 16.03
C GLY A 449 -17.31 -13.10 15.92
N TYR A 450 -17.60 -14.01 16.84
CA TYR A 450 -18.86 -14.73 16.77
C TYR A 450 -20.05 -13.83 17.11
N LEU A 451 -19.88 -12.87 18.02
CA LEU A 451 -20.95 -11.92 18.27
C LEU A 451 -21.26 -11.10 17.03
N LEU A 452 -20.23 -10.64 16.33
CA LEU A 452 -20.45 -9.91 15.09
C LEU A 452 -21.14 -10.79 14.05
N GLY A 453 -20.70 -12.04 13.94
CA GLY A 453 -21.35 -12.96 13.00
C GLY A 453 -22.82 -13.16 13.32
N MET A 454 -23.15 -13.29 14.60
CA MET A 454 -24.55 -13.46 14.98
C MET A 454 -25.36 -12.21 14.70
N MET A 455 -24.81 -11.03 15.00
CA MET A 455 -25.48 -9.78 14.68
C MET A 455 -25.61 -9.56 13.18
N ALA A 456 -24.81 -10.27 12.37
CA ALA A 456 -24.84 -10.07 10.93
C ALA A 456 -26.25 -10.15 10.37
N LEU A 457 -26.99 -11.21 10.71
CA LEU A 457 -28.26 -11.44 10.03
C LEU A 457 -29.35 -10.47 10.47
N PRO A 458 -29.63 -10.30 11.77
CA PRO A 458 -30.68 -9.33 12.14
C PRO A 458 -30.41 -7.94 11.62
N MET A 459 -29.14 -7.52 11.56
CA MET A 459 -28.83 -6.17 11.10
C MET A 459 -29.28 -5.96 9.67
N ILE A 460 -29.05 -6.95 8.80
CA ILE A 460 -29.48 -6.82 7.41
C ILE A 460 -30.96 -7.14 7.24
N ALA A 461 -31.57 -7.87 8.17
CA ALA A 461 -32.97 -8.24 8.05
C ALA A 461 -33.91 -7.19 8.62
N GLY A 462 -33.42 -6.26 9.43
CA GLY A 462 -34.27 -5.27 10.05
C GLY A 462 -34.89 -4.29 9.06
N PRO A 463 -34.05 -3.49 8.40
CA PRO A 463 -34.57 -2.44 7.50
C PRO A 463 -35.46 -3.01 6.41
N PRO A 464 -35.11 -4.17 5.83
CA PRO A 464 -36.03 -4.77 4.85
C PRO A 464 -37.40 -5.06 5.42
N ILE A 465 -37.46 -5.57 6.66
CA ILE A 465 -38.76 -5.85 7.27
C ILE A 465 -39.51 -4.55 7.53
N ALA A 466 -38.80 -3.51 7.97
CA ALA A 466 -39.45 -2.23 8.19
C ALA A 466 -40.05 -1.69 6.90
N GLY A 467 -39.29 -1.77 5.81
CA GLY A 467 -39.80 -1.30 4.53
C GLY A 467 -40.96 -2.12 4.03
N LEU A 468 -40.89 -3.45 4.20
CA LEU A 468 -41.98 -4.31 3.79
C LEU A 468 -43.26 -3.98 4.56
N LEU A 469 -43.15 -3.78 5.87
CA LEU A 469 -44.32 -3.42 6.66
C LEU A 469 -44.87 -2.06 6.26
N ARG A 470 -43.99 -1.09 6.00
CA ARG A 470 -44.44 0.21 5.55
C ARG A 470 -45.21 0.09 4.24
N ASN A 471 -44.69 -0.69 3.30
CA ASN A 471 -45.39 -0.88 2.03
C ASN A 471 -46.74 -1.56 2.24
N CYS A 472 -46.78 -2.59 3.10
CA CYS A 472 -48.02 -3.33 3.30
C CYS A 472 -49.09 -2.46 3.93
N PHE A 473 -48.73 -1.68 4.96
CA PHE A 473 -49.70 -0.86 5.66
C PHE A 473 -49.76 0.55 5.10
N GLY A 474 -48.67 1.04 4.49
CA GLY A 474 -48.62 2.38 3.97
C GLY A 474 -48.23 3.44 4.97
N ASP A 475 -48.01 3.07 6.23
CA ASP A 475 -47.65 4.01 7.28
C ASP A 475 -46.40 3.53 8.00
N TYR A 476 -45.61 4.49 8.49
CA TYR A 476 -44.37 4.19 9.18
C TYR A 476 -44.57 3.82 10.65
N HIS A 477 -45.80 3.94 11.16
CA HIS A 477 -46.06 3.68 12.57
C HIS A 477 -45.67 2.25 12.95
N VAL A 478 -46.17 1.28 12.19
CA VAL A 478 -45.88 -0.12 12.49
C VAL A 478 -44.39 -0.40 12.32
N ALA A 479 -43.77 0.21 11.31
CA ALA A 479 -42.34 0.02 11.10
C ALA A 479 -41.56 0.45 12.33
N PHE A 480 -41.89 1.63 12.88
CA PHE A 480 -41.14 2.12 14.03
C PHE A 480 -41.46 1.31 15.28
N TYR A 481 -42.72 0.87 15.44
CA TYR A 481 -43.04 0.04 16.60
C TYR A 481 -42.26 -1.26 16.57
N PHE A 482 -42.19 -1.92 15.42
CA PHE A 482 -41.46 -3.16 15.29
C PHE A 482 -39.95 -2.94 15.35
N ALA A 483 -39.48 -1.73 15.03
CA ALA A 483 -38.08 -1.41 15.26
C ALA A 483 -37.79 -1.27 16.75
N GLY A 484 -38.75 -0.73 17.51
CA GLY A 484 -38.53 -0.50 18.93
C GLY A 484 -38.67 -1.72 19.80
N VAL A 485 -39.51 -2.69 19.40
CA VAL A 485 -39.75 -3.86 20.26
C VAL A 485 -38.50 -4.71 20.47
N PRO A 486 -37.75 -5.08 19.43
CA PRO A 486 -36.62 -6.01 19.63
C PRO A 486 -35.61 -5.49 20.62
N PRO A 487 -35.33 -4.18 20.63
CA PRO A 487 -34.47 -3.65 21.70
C PRO A 487 -35.00 -3.98 23.08
N ILE A 488 -36.32 -3.91 23.30
CA ILE A 488 -36.86 -4.21 24.61
C ILE A 488 -36.72 -5.70 24.93
N ILE A 489 -36.95 -6.56 23.94
CA ILE A 489 -36.78 -8.00 24.17
C ILE A 489 -35.33 -8.29 24.57
N GLY A 490 -34.37 -7.72 23.83
CA GLY A 490 -32.98 -7.88 24.17
C GLY A 490 -32.65 -7.31 25.54
N ALA A 491 -33.31 -6.20 25.91
CA ALA A 491 -33.11 -5.63 27.23
C ALA A 491 -33.52 -6.62 28.31
N VAL A 492 -34.66 -7.28 28.13
CA VAL A 492 -35.11 -8.26 29.12
C VAL A 492 -34.11 -9.41 29.22
N ILE A 493 -33.66 -9.92 28.08
CA ILE A 493 -32.73 -11.04 28.09
C ILE A 493 -31.43 -10.64 28.80
N LEU A 494 -30.88 -9.48 28.44
CA LEU A 494 -29.64 -9.03 29.05
C LEU A 494 -29.82 -8.71 30.53
N PHE A 495 -31.02 -8.28 30.93
CA PHE A 495 -31.28 -8.08 32.35
C PHE A 495 -31.21 -9.40 33.09
N PHE A 496 -31.76 -10.46 32.50
CA PHE A 496 -31.68 -11.77 33.14
C PHE A 496 -30.25 -12.31 33.14
N VAL A 497 -29.43 -11.90 32.17
CA VAL A 497 -28.07 -12.43 32.03
C VAL A 497 -27.30 -12.35 33.35
N PRO A 498 -27.02 -11.15 33.90
CA PRO A 498 -26.08 -11.06 35.01
C PRO A 498 -26.56 -11.70 36.30
N LEU A 499 -27.80 -12.16 36.36
CA LEU A 499 -28.29 -12.80 37.58
C LEU A 499 -27.53 -14.08 37.90
N MET A 500 -26.81 -14.63 36.94
CA MET A 500 -26.02 -15.86 37.15
C MET A 500 -24.55 -15.61 36.86
N PRO B 94 24.29 -18.18 7.31
CA PRO B 94 23.69 -17.94 6.00
C PRO B 94 23.05 -19.20 5.41
N PRO B 95 21.73 -19.16 5.14
CA PRO B 95 21.09 -20.37 4.60
C PRO B 95 21.68 -20.85 3.29
N GLU B 96 22.28 -19.96 2.51
CA GLU B 96 22.79 -20.29 1.17
C GLU B 96 21.67 -20.66 0.21
N GLY B 97 20.45 -20.25 0.52
CA GLY B 97 19.30 -20.58 -0.29
C GLY B 97 18.05 -20.63 0.58
N GLY B 98 17.19 -21.60 0.28
CA GLY B 98 15.97 -21.73 1.05
C GLY B 98 15.15 -20.46 0.98
N PHE B 99 14.82 -19.91 2.16
CA PHE B 99 14.03 -18.69 2.20
C PHE B 99 14.72 -17.56 1.46
N GLY B 100 16.05 -17.61 1.36
CA GLY B 100 16.76 -16.58 0.60
C GLY B 100 16.22 -16.45 -0.82
N TRP B 101 15.89 -17.57 -1.45
CA TRP B 101 15.33 -17.51 -2.79
C TRP B 101 14.07 -16.67 -2.83
N VAL B 102 13.21 -16.80 -1.81
CA VAL B 102 12.03 -15.94 -1.74
C VAL B 102 12.47 -14.49 -1.76
N VAL B 103 13.44 -14.13 -0.92
CA VAL B 103 13.96 -12.77 -0.92
C VAL B 103 14.43 -12.39 -2.31
N VAL B 104 15.12 -13.30 -2.99
CA VAL B 104 15.60 -13.01 -4.33
C VAL B 104 14.43 -12.56 -5.21
N PHE B 105 13.32 -13.29 -5.14
CA PHE B 105 12.16 -12.90 -5.93
C PHE B 105 11.79 -11.46 -5.62
N ALA B 106 11.64 -11.13 -4.34
CA ALA B 106 11.33 -9.75 -3.97
C ALA B 106 12.36 -8.80 -4.57
N ALA B 107 13.64 -9.13 -4.41
CA ALA B 107 14.70 -8.28 -4.97
C ALA B 107 14.44 -8.03 -6.45
N THR B 108 14.16 -9.10 -7.20
CA THR B 108 13.87 -8.93 -8.61
C THR B 108 12.73 -7.93 -8.80
N TRP B 109 11.62 -8.16 -8.09
CA TRP B 109 10.45 -7.30 -8.28
C TRP B 109 10.79 -5.85 -8.01
N CYS B 110 11.89 -5.55 -7.44
CA CYS B 110 12.23 -4.18 -7.25
C CYS B 110 12.97 -3.66 -8.46
N ASN B 111 14.15 -4.16 -8.79
CA ASN B 111 14.86 -3.63 -9.90
C ASN B 111 13.90 -3.56 -10.99
N GLY B 112 13.27 -4.60 -11.38
CA GLY B 112 12.41 -4.60 -12.51
C GLY B 112 11.50 -3.49 -12.56
N SER B 113 10.60 -3.38 -11.63
CA SER B 113 9.74 -2.23 -11.50
C SER B 113 10.40 -0.86 -11.53
N ILE B 114 11.33 -0.57 -10.66
CA ILE B 114 11.88 0.74 -10.71
C ILE B 114 12.45 1.05 -12.04
N PHE B 115 13.31 0.23 -12.51
CA PHE B 115 13.95 0.58 -13.72
C PHE B 115 13.04 0.50 -14.90
N GLY B 116 12.03 -0.32 -14.91
CA GLY B 116 11.08 -0.33 -15.96
C GLY B 116 10.17 0.86 -16.02
N ILE B 117 9.76 1.37 -14.89
CA ILE B 117 8.94 2.52 -14.88
C ILE B 117 9.77 3.68 -15.23
N HIS B 118 11.06 3.62 -15.09
CA HIS B 118 11.83 4.72 -15.61
C HIS B 118 12.17 4.56 -17.09
N ASN B 119 12.55 3.40 -17.61
CA ASN B 119 12.78 3.19 -19.04
C ASN B 119 11.58 3.62 -19.87
N SER B 120 10.39 3.64 -19.28
CA SER B 120 9.17 4.05 -19.97
C SER B 120 8.88 5.53 -19.82
N VAL B 121 9.70 6.28 -19.08
CA VAL B 121 9.37 7.66 -18.77
C VAL B 121 9.12 8.45 -20.05
N GLY B 122 9.98 8.27 -21.05
CA GLY B 122 9.82 9.00 -22.29
C GLY B 122 8.44 8.78 -22.89
N ILE B 123 7.97 7.54 -22.90
CA ILE B 123 6.66 7.25 -23.45
C ILE B 123 5.62 8.12 -22.77
N LEU B 124 5.67 8.17 -21.43
CA LEU B 124 4.71 8.98 -20.69
C LEU B 124 4.70 10.40 -21.22
N TYR B 125 5.89 10.99 -21.41
CA TYR B 125 5.95 12.37 -21.89
C TYR B 125 5.24 12.50 -23.23
N SER B 126 5.46 11.54 -24.14
CA SER B 126 4.76 11.59 -25.42
C SER B 126 3.26 11.67 -25.20
N MET B 127 2.73 10.85 -24.29
CA MET B 127 1.31 10.92 -23.99
C MET B 127 0.95 12.29 -23.46
N LEU B 128 1.78 12.84 -22.57
CA LEU B 128 1.55 14.20 -22.09
C LEU B 128 1.46 15.17 -23.25
N LEU B 129 2.30 15.00 -24.27
CA LEU B 129 2.22 15.88 -25.44
C LEU B 129 0.87 15.76 -26.11
N GLU B 130 0.34 14.54 -26.23
CA GLU B 130 -0.99 14.37 -26.77
C GLU B 130 -2.03 15.11 -25.92
N GLU B 131 -1.79 15.19 -24.61
CA GLU B 131 -2.65 15.97 -23.72
C GLU B 131 -2.18 17.41 -23.56
N GLU B 132 -1.00 17.75 -24.09
CA GLU B 132 -0.57 19.15 -24.05
C GLU B 132 -1.42 20.02 -24.94
N LYS B 133 -1.94 19.47 -26.04
CA LYS B 133 -2.83 20.18 -26.95
C LYS B 133 -4.25 20.08 -26.43
N GLU B 134 -5.22 20.45 -27.27
CA GLU B 134 -6.64 20.40 -26.95
C GLU B 134 -7.03 21.41 -25.87
N LYS B 135 -6.24 22.46 -25.70
CA LYS B 135 -6.54 23.49 -24.70
C LYS B 135 -5.65 24.71 -24.91
N GLU B 140 7.83 22.89 -23.40
CA GLU B 140 9.24 23.05 -23.76
C GLU B 140 10.03 21.78 -23.46
N PHE B 141 11.33 21.82 -23.71
CA PHE B 141 12.21 20.65 -23.54
C PHE B 141 12.44 20.44 -22.05
N GLN B 142 11.47 19.78 -21.40
CA GLN B 142 11.56 19.44 -19.98
C GLN B 142 11.55 17.93 -19.73
N ALA B 143 11.24 17.11 -20.73
CA ALA B 143 11.16 15.67 -20.53
C ALA B 143 12.48 15.12 -20.03
N ALA B 144 13.58 15.45 -20.73
CA ALA B 144 14.88 14.92 -20.36
C ALA B 144 15.27 15.35 -18.96
N TRP B 145 14.94 16.58 -18.58
CA TRP B 145 15.33 17.08 -17.27
C TRP B 145 14.78 16.19 -16.16
N VAL B 146 13.47 15.94 -16.17
CA VAL B 146 12.85 15.13 -15.12
C VAL B 146 13.27 13.66 -15.26
N GLY B 147 13.33 13.17 -16.49
CA GLY B 147 13.73 11.79 -16.69
C GLY B 147 15.10 11.49 -16.11
N ALA B 148 16.05 12.39 -16.31
CA ALA B 148 17.37 12.23 -15.72
C ALA B 148 17.34 12.56 -14.23
N LEU B 149 16.46 13.46 -13.79
CA LEU B 149 16.39 13.83 -12.39
C LEU B 149 16.00 12.64 -11.53
N ALA B 150 15.08 11.82 -12.02
CA ALA B 150 14.64 10.68 -11.22
C ALA B 150 15.80 9.73 -10.92
N MET B 151 16.52 9.30 -11.97
CA MET B 151 17.65 8.39 -11.78
C MET B 151 18.77 9.05 -10.99
N GLY B 152 19.06 10.32 -11.30
CA GLY B 152 20.06 11.03 -10.55
C GLY B 152 19.73 11.10 -9.07
N MET B 153 18.45 11.32 -8.76
CA MET B 153 18.03 11.35 -7.36
C MET B 153 18.21 9.99 -6.70
N ILE B 154 17.87 8.92 -7.43
CA ILE B 154 18.16 7.58 -6.91
C ILE B 154 19.62 7.50 -6.46
N PHE B 155 20.53 7.79 -7.38
CA PHE B 155 21.95 7.64 -7.08
C PHE B 155 22.40 8.61 -5.98
N PHE B 156 21.96 9.86 -6.03
CA PHE B 156 22.42 10.85 -5.06
C PHE B 156 21.94 10.51 -3.66
N CYS B 157 20.81 9.89 -3.52
CA CYS B 157 20.31 9.62 -2.20
C CYS B 157 20.69 8.33 -1.63
N SER B 158 21.67 7.64 -2.16
CA SER B 158 22.11 6.42 -1.55
C SER B 158 23.15 6.68 -0.54
N PRO B 159 24.00 7.63 -0.75
CA PRO B 159 24.91 7.81 0.31
C PRO B 159 24.13 7.84 1.62
N ILE B 160 22.89 8.31 1.73
CA ILE B 160 22.01 8.37 2.96
C ILE B 160 21.14 7.15 3.24
N VAL B 161 20.46 6.59 2.31
CA VAL B 161 19.71 5.42 2.43
C VAL B 161 20.60 4.48 3.15
N SER B 162 21.88 4.54 2.94
CA SER B 162 22.83 3.68 3.64
C SER B 162 22.82 3.96 5.05
N ILE B 163 22.97 5.22 5.43
CA ILE B 163 22.83 5.52 6.87
C ILE B 163 21.66 4.81 7.39
N PHE B 164 20.50 4.97 6.80
CA PHE B 164 19.34 4.30 7.42
C PHE B 164 19.47 2.83 7.47
N THR B 165 19.62 2.15 6.38
CA THR B 165 19.67 0.70 6.37
C THR B 165 20.66 0.21 7.32
N ASP B 166 21.64 0.97 7.67
CA ASP B 166 22.57 0.54 8.68
C ASP B 166 21.87 0.60 9.99
N ARG B 167 21.32 1.76 10.33
CA ARG B 167 20.62 1.94 11.62
C ARG B 167 19.26 1.28 11.70
N LEU B 168 18.32 1.62 10.84
CA LEU B 168 16.97 1.04 10.96
C LEU B 168 16.96 -0.43 10.57
N GLY B 169 17.33 -0.73 9.33
CA GLY B 169 17.31 -2.08 8.81
C GLY B 169 16.79 -2.10 7.39
N CYS B 170 17.03 -3.23 6.71
CA CYS B 170 16.65 -3.33 5.31
C CYS B 170 15.15 -3.25 5.13
N ARG B 171 14.39 -3.95 5.98
CA ARG B 171 12.94 -4.03 5.78
C ARG B 171 12.29 -2.68 5.95
N ILE B 172 12.62 -1.95 7.01
CA ILE B 172 11.98 -0.67 7.28
C ILE B 172 12.29 0.32 6.16
N THR B 173 13.57 0.41 5.78
CA THR B 173 13.97 1.35 4.74
C THR B 173 13.30 0.99 3.41
N ALA B 174 13.29 -0.29 3.05
CA ALA B 174 12.68 -0.69 1.80
C ALA B 174 11.19 -0.40 1.77
N THR B 175 10.49 -0.69 2.88
CA THR B 175 9.06 -0.42 2.93
C THR B 175 8.78 1.07 2.85
N ALA B 176 9.57 1.89 3.54
CA ALA B 176 9.37 3.33 3.47
C ALA B 176 9.61 3.85 2.05
N GLY B 177 10.66 3.35 1.39
CA GLY B 177 10.91 3.77 0.02
C GLY B 177 9.78 3.38 -0.91
N ALA B 178 9.28 2.15 -0.77
CA ALA B 178 8.17 1.71 -1.61
C ALA B 178 6.92 2.56 -1.35
N ALA B 179 6.66 2.91 -0.09
CA ALA B 179 5.52 3.76 0.22
C ALA B 179 5.66 5.14 -0.41
N VAL B 180 6.85 5.73 -0.32
CA VAL B 180 7.06 7.05 -0.90
C VAL B 180 6.91 6.99 -2.42
N ALA B 181 7.42 5.92 -3.04
CA ALA B 181 7.25 5.77 -4.49
C ALA B 181 5.78 5.64 -4.86
N PHE B 182 5.03 4.86 -4.09
CA PHE B 182 3.60 4.70 -4.37
C PHE B 182 2.88 6.03 -4.26
N ILE B 183 3.18 6.81 -3.22
CA ILE B 183 2.51 8.10 -3.07
C ILE B 183 2.91 9.04 -4.17
N GLY B 184 4.17 8.99 -4.61
CA GLY B 184 4.59 9.81 -5.73
C GLY B 184 3.82 9.51 -6.99
N LEU B 185 3.70 8.22 -7.32
CA LEU B 185 2.93 7.84 -8.51
C LEU B 185 1.46 8.21 -8.36
N HIS B 186 0.90 8.02 -7.17
CA HIS B 186 -0.51 8.38 -6.94
C HIS B 186 -0.74 9.87 -7.18
N THR B 187 0.07 10.71 -6.53
CA THR B 187 -0.11 12.15 -6.68
C THR B 187 0.21 12.62 -8.09
N SER B 188 1.10 11.92 -8.80
CA SER B 188 1.29 12.21 -10.22
C SER B 188 0.03 11.90 -11.00
N SER B 189 -0.64 10.81 -10.65
CA SER B 189 -1.91 10.49 -11.30
C SER B 189 -2.94 11.58 -11.05
N PHE B 190 -3.00 12.11 -9.82
CA PHE B 190 -4.01 13.09 -9.49
C PHE B 190 -3.76 14.42 -10.19
N THR B 191 -2.63 15.05 -9.89
CA THR B 191 -2.42 16.43 -10.33
C THR B 191 -2.36 16.53 -11.85
N SER B 192 -2.92 17.62 -12.37
CA SER B 192 -2.88 17.94 -13.79
C SER B 192 -2.18 19.30 -13.92
N SER B 193 -0.86 19.28 -13.95
CA SER B 193 -0.07 20.50 -14.02
C SER B 193 1.29 20.15 -14.61
N LEU B 194 2.24 21.09 -14.52
CA LEU B 194 3.58 20.92 -15.06
C LEU B 194 4.65 20.93 -13.98
N SER B 195 4.67 21.95 -13.12
CA SER B 195 5.68 22.01 -12.07
C SER B 195 5.41 20.99 -10.98
N LEU B 196 4.15 20.85 -10.56
CA LEU B 196 3.82 19.90 -9.51
C LEU B 196 4.10 18.47 -9.96
N ARG B 197 3.80 18.15 -11.21
CA ARG B 197 4.12 16.83 -11.72
C ARG B 197 5.63 16.57 -11.68
N TYR B 198 6.42 17.56 -12.08
CA TYR B 198 7.87 17.41 -12.04
C TYR B 198 8.33 17.14 -10.62
N PHE B 199 7.92 17.99 -9.67
CA PHE B 199 8.32 17.77 -8.28
C PHE B 199 7.91 16.38 -7.81
N THR B 200 6.64 16.04 -7.96
CA THR B 200 6.15 14.76 -7.48
C THR B 200 6.98 13.62 -8.07
N TYR B 201 6.89 13.44 -9.39
CA TYR B 201 7.61 12.34 -10.01
C TYR B 201 9.06 12.33 -9.60
N GLY B 202 9.82 13.36 -10.00
CA GLY B 202 11.23 13.35 -9.70
C GLY B 202 11.52 13.07 -8.24
N ILE B 203 11.18 14.01 -7.35
CA ILE B 203 11.62 13.89 -5.97
C ILE B 203 11.07 12.61 -5.34
N LEU B 204 9.74 12.49 -5.28
CA LEU B 204 9.15 11.40 -4.52
C LEU B 204 9.54 10.05 -5.11
N PHE B 205 9.33 9.86 -6.40
CA PHE B 205 9.58 8.56 -7.00
C PHE B 205 11.07 8.19 -6.91
N GLY B 206 11.97 9.13 -7.20
CA GLY B 206 13.38 8.81 -7.13
C GLY B 206 13.84 8.47 -5.72
N CYS B 207 13.39 9.26 -4.73
CA CYS B 207 13.78 8.97 -3.35
C CYS B 207 13.26 7.60 -2.92
N GLY B 208 11.98 7.34 -3.18
CA GLY B 208 11.43 6.03 -2.83
C GLY B 208 12.14 4.90 -3.54
N CYS B 209 12.51 5.12 -4.81
CA CYS B 209 13.20 4.09 -5.56
C CYS B 209 14.57 3.78 -4.97
N SER B 210 15.33 4.81 -4.61
CA SER B 210 16.63 4.58 -3.98
C SER B 210 16.47 3.83 -2.67
N PHE B 211 15.50 4.28 -1.84
CA PHE B 211 15.29 3.66 -0.55
C PHE B 211 14.90 2.19 -0.68
N ALA B 212 14.06 1.88 -1.67
CA ALA B 212 13.66 0.50 -1.89
C ALA B 212 14.71 -0.32 -2.64
N PHE B 213 15.68 0.33 -3.27
CA PHE B 213 16.63 -0.37 -4.12
C PHE B 213 17.87 -0.82 -3.35
N GLN B 214 18.49 0.07 -2.58
CA GLN B 214 19.72 -0.32 -1.89
C GLN B 214 19.51 -1.48 -0.92
N PRO B 215 18.48 -1.48 -0.08
CA PRO B 215 18.29 -2.62 0.83
C PRO B 215 18.11 -3.95 0.12
N SER B 216 17.65 -3.96 -1.14
CA SER B 216 17.54 -5.22 -1.85
C SER B 216 18.90 -5.89 -1.99
N LEU B 217 19.89 -5.15 -2.50
CA LEU B 217 21.23 -5.69 -2.59
C LEU B 217 21.78 -6.04 -1.21
N VAL B 218 21.54 -5.17 -0.22
CA VAL B 218 22.09 -5.44 1.10
C VAL B 218 21.54 -6.76 1.67
N ILE B 219 20.23 -6.99 1.52
CA ILE B 219 19.65 -8.21 2.08
C ILE B 219 20.08 -9.43 1.28
N LEU B 220 20.16 -9.30 -0.06
CA LEU B 220 20.72 -10.39 -0.86
C LEU B 220 22.07 -10.81 -0.31
N GLY B 221 22.90 -9.84 0.05
CA GLY B 221 24.16 -10.19 0.70
C GLY B 221 23.96 -10.81 2.07
N HIS B 222 22.97 -10.32 2.81
CA HIS B 222 22.67 -10.89 4.14
C HIS B 222 22.47 -12.39 4.06
N TYR B 223 21.69 -12.85 3.10
CA TYR B 223 21.22 -14.24 3.12
C TYR B 223 22.29 -15.22 2.61
N PHE B 224 22.73 -15.06 1.36
CA PHE B 224 23.59 -16.07 0.75
C PHE B 224 25.02 -15.99 1.28
N GLN B 225 25.71 -14.90 0.96
CA GLN B 225 27.03 -14.59 1.52
C GLN B 225 28.14 -15.50 0.98
N ARG B 226 27.78 -16.56 0.27
CA ARG B 226 28.76 -17.39 -0.42
C ARG B 226 28.37 -17.64 -1.86
N ARG B 227 27.08 -17.84 -2.13
CA ARG B 227 26.55 -17.89 -3.48
C ARG B 227 26.05 -16.54 -3.95
N LEU B 228 26.56 -15.45 -3.35
CA LEU B 228 26.07 -14.12 -3.69
C LEU B 228 26.18 -13.84 -5.17
N GLY B 229 27.18 -14.40 -5.84
CA GLY B 229 27.28 -14.23 -7.28
C GLY B 229 26.07 -14.80 -8.00
N LEU B 230 25.67 -16.02 -7.64
CA LEU B 230 24.52 -16.64 -8.28
C LEU B 230 23.24 -15.85 -8.00
N ALA B 231 23.05 -15.43 -6.75
CA ALA B 231 21.86 -14.67 -6.41
C ALA B 231 21.80 -13.35 -7.18
N ASN B 232 22.93 -12.65 -7.25
CA ASN B 232 22.97 -11.40 -7.99
C ASN B 232 22.73 -11.62 -9.48
N GLY B 233 23.28 -12.71 -10.03
CA GLY B 233 23.03 -13.00 -11.44
C GLY B 233 21.57 -13.26 -11.72
N VAL B 234 20.93 -14.07 -10.87
CA VAL B 234 19.51 -14.35 -11.04
C VAL B 234 18.70 -13.07 -10.94
N VAL B 235 19.01 -12.23 -9.94
CA VAL B 235 18.28 -10.99 -9.76
C VAL B 235 18.45 -10.10 -10.98
N SER B 236 19.68 -9.97 -11.48
CA SER B 236 19.93 -9.10 -12.63
C SER B 236 19.20 -9.60 -13.86
N ALA B 237 19.24 -10.90 -14.12
CA ALA B 237 18.56 -11.44 -15.30
C ALA B 237 17.05 -11.22 -15.21
N GLY B 238 16.45 -11.56 -14.07
CA GLY B 238 15.02 -11.35 -13.91
C GLY B 238 14.63 -9.89 -14.04
N SER B 239 15.41 -9.00 -13.42
CA SER B 239 15.11 -7.58 -13.50
C SER B 239 15.23 -7.06 -14.92
N SER B 240 16.23 -7.53 -15.66
CA SER B 240 16.37 -7.12 -17.05
C SER B 240 15.16 -7.56 -17.86
N ILE B 241 14.73 -8.80 -17.69
CA ILE B 241 13.57 -9.28 -18.44
C ILE B 241 12.34 -8.45 -18.10
N PHE B 242 12.12 -8.21 -16.80
CA PHE B 242 10.95 -7.45 -16.38
C PHE B 242 10.99 -6.02 -16.92
N SER B 243 12.15 -5.38 -16.88
CA SER B 243 12.28 -4.00 -17.33
C SER B 243 12.05 -3.90 -18.83
N MET B 244 12.44 -4.89 -19.59
CA MET B 244 12.18 -4.89 -21.00
C MET B 244 10.74 -5.07 -21.24
N SER B 245 10.16 -5.94 -20.47
CA SER B 245 8.75 -6.26 -20.70
C SER B 245 7.85 -5.07 -20.39
N PHE B 246 8.24 -4.23 -19.44
CA PHE B 246 7.38 -3.11 -19.04
C PHE B 246 6.94 -2.21 -20.19
N PRO B 247 7.84 -1.73 -21.06
CA PRO B 247 7.41 -0.75 -22.08
C PRO B 247 6.28 -1.22 -22.96
N PHE B 248 6.23 -2.50 -23.31
CA PHE B 248 5.17 -2.98 -24.20
C PHE B 248 3.80 -2.76 -23.58
N LEU B 249 3.60 -3.25 -22.36
CA LEU B 249 2.32 -3.06 -21.69
C LEU B 249 2.05 -1.59 -21.42
N ILE B 250 3.08 -0.83 -21.04
CA ILE B 250 2.88 0.58 -20.74
C ILE B 250 2.36 1.30 -21.98
N ARG B 251 2.98 1.05 -23.14
CA ARG B 251 2.57 1.74 -24.35
C ARG B 251 1.18 1.28 -24.80
N MET B 252 0.87 -0.01 -24.63
CA MET B 252 -0.45 -0.48 -25.03
C MET B 252 -1.55 0.16 -24.17
N LEU B 253 -1.35 0.20 -22.86
CA LEU B 253 -2.32 0.89 -22.00
C LEU B 253 -2.39 2.38 -22.34
N GLY B 254 -1.24 3.02 -22.58
CA GLY B 254 -1.26 4.44 -22.90
C GLY B 254 -2.06 4.74 -24.15
N ASP B 255 -1.83 3.94 -25.20
CA ASP B 255 -2.65 4.07 -26.40
C ASP B 255 -4.10 3.69 -26.15
N LYS B 256 -4.37 2.91 -25.09
CA LYS B 256 -5.74 2.50 -24.82
C LYS B 256 -6.59 3.65 -24.30
N ILE B 257 -6.25 4.20 -23.13
CA ILE B 257 -7.16 5.14 -22.47
C ILE B 257 -6.53 6.50 -22.19
N LYS B 258 -5.53 6.56 -21.30
CA LYS B 258 -4.98 7.86 -20.89
C LYS B 258 -3.82 7.72 -19.91
N LEU B 259 -3.28 8.86 -19.47
CA LEU B 259 -2.07 8.87 -18.66
C LEU B 259 -2.35 8.55 -17.19
N ALA B 260 -3.44 9.09 -16.63
CA ALA B 260 -3.72 8.90 -15.21
C ALA B 260 -3.94 7.43 -14.90
N GLN B 261 -4.64 6.70 -15.78
CA GLN B 261 -4.79 5.27 -15.58
C GLN B 261 -3.44 4.57 -15.59
N THR B 262 -2.54 5.00 -16.48
CA THR B 262 -1.20 4.42 -16.50
C THR B 262 -0.48 4.66 -15.18
N PHE B 263 -0.59 5.87 -14.64
CA PHE B 263 0.03 6.14 -13.34
C PHE B 263 -0.58 5.28 -12.25
N GLN B 264 -1.90 5.03 -12.34
CA GLN B 264 -2.54 4.15 -11.37
C GLN B 264 -1.97 2.73 -11.45
N VAL B 265 -1.77 2.22 -12.67
CA VAL B 265 -1.21 0.88 -12.83
C VAL B 265 0.21 0.83 -12.26
N LEU B 266 1.02 1.85 -12.55
CA LEU B 266 2.35 1.89 -11.99
C LEU B 266 2.32 1.97 -10.46
N SER B 267 1.33 2.69 -9.92
CA SER B 267 1.20 2.79 -8.47
C SER B 267 0.88 1.44 -7.85
N THR B 268 0.00 0.66 -8.47
CA THR B 268 -0.27 -0.67 -7.92
C THR B 268 0.95 -1.58 -8.05
N PHE B 269 1.74 -1.40 -9.12
CA PHE B 269 3.02 -2.11 -9.19
C PHE B 269 3.89 -1.76 -7.98
N MET B 270 3.96 -0.47 -7.65
CA MET B 270 4.76 -0.04 -6.51
C MET B 270 4.22 -0.63 -5.21
N PHE B 271 2.89 -0.72 -5.09
CA PHE B 271 2.28 -1.29 -3.90
C PHE B 271 2.65 -2.76 -3.74
N VAL B 272 2.59 -3.51 -4.84
CA VAL B 272 3.02 -4.92 -4.79
C VAL B 272 4.49 -5.00 -4.39
N LEU B 273 5.31 -4.06 -4.89
CA LEU B 273 6.71 -4.05 -4.50
C LEU B 273 6.85 -3.82 -3.00
N MET B 274 6.04 -2.92 -2.43
CA MET B 274 6.04 -2.73 -0.98
C MET B 274 5.73 -4.04 -0.26
N LEU B 275 4.66 -4.72 -0.69
CA LEU B 275 4.27 -5.95 -0.03
C LEU B 275 5.39 -6.97 -0.07
N LEU B 276 6.04 -7.10 -1.23
CA LEU B 276 7.14 -8.06 -1.36
C LEU B 276 8.33 -7.63 -0.50
N SER B 277 8.68 -6.34 -0.53
CA SER B 277 9.80 -5.85 0.27
C SER B 277 9.57 -6.04 1.76
N LEU B 278 8.32 -6.22 2.16
CA LEU B 278 8.05 -6.53 3.57
C LEU B 278 8.60 -7.89 4.01
N THR B 279 9.29 -8.61 3.13
CA THR B 279 9.82 -9.94 3.46
C THR B 279 11.31 -9.92 3.78
N TYR B 280 11.93 -8.76 3.89
CA TYR B 280 13.37 -8.66 4.13
C TYR B 280 13.64 -8.92 5.62
N ARG B 281 13.52 -10.18 6.01
CA ARG B 281 13.71 -10.57 7.39
C ARG B 281 15.19 -10.45 7.76
N PRO B 282 15.56 -9.70 8.80
CA PRO B 282 16.98 -9.54 9.12
C PRO B 282 17.60 -10.87 9.53
N LEU B 283 18.89 -11.01 9.19
CA LEU B 283 19.64 -12.21 9.52
C LEU B 283 21.02 -11.94 10.09
N LEU B 284 21.45 -10.69 10.16
CA LEU B 284 22.75 -10.33 10.72
C LEU B 284 22.58 -9.25 11.79
N PRO B 285 23.49 -9.19 12.77
CA PRO B 285 23.36 -8.17 13.81
C PRO B 285 23.34 -6.76 13.24
N SER B 286 22.54 -5.91 13.87
CA SER B 286 22.43 -4.52 13.45
C SER B 286 23.67 -3.72 13.86
N LEU B 304 26.22 18.30 17.31
CA LEU B 304 27.37 18.57 16.46
C LEU B 304 28.10 17.27 16.09
N ALA B 305 28.16 16.34 17.04
CA ALA B 305 28.77 15.04 16.79
C ALA B 305 27.82 14.05 16.14
N GLN B 306 26.53 14.41 16.00
CA GLN B 306 25.59 13.51 15.36
C GLN B 306 25.98 13.25 13.91
N LEU B 307 26.40 14.29 13.18
CA LEU B 307 26.87 14.10 11.82
C LEU B 307 28.15 13.27 11.78
N ARG B 308 28.94 13.30 12.86
CA ARG B 308 30.20 12.55 12.86
C ARG B 308 29.98 11.07 13.15
N LYS B 309 28.81 10.68 13.64
CA LYS B 309 28.46 9.28 13.80
C LYS B 309 27.56 8.76 12.69
N TYR B 310 26.72 9.63 12.11
CA TYR B 310 25.90 9.23 10.98
C TYR B 310 26.72 9.16 9.70
N PHE B 311 27.79 9.94 9.61
CA PHE B 311 28.63 9.99 8.41
C PHE B 311 30.05 9.57 8.75
N ASN B 312 30.18 8.46 9.48
CA ASN B 312 31.50 8.01 9.92
C ASN B 312 32.47 7.90 8.75
N MET B 313 31.99 7.43 7.60
CA MET B 313 32.85 7.22 6.43
C MET B 313 34.03 6.31 6.78
N ARG B 314 33.74 5.28 7.58
CA ARG B 314 34.79 4.34 7.97
C ARG B 314 35.17 3.41 6.83
N VAL B 315 34.25 3.16 5.89
CA VAL B 315 34.57 2.27 4.78
C VAL B 315 35.61 2.90 3.87
N PHE B 316 35.72 4.23 3.86
CA PHE B 316 36.64 4.89 2.95
C PHE B 316 38.09 4.74 3.37
N ARG B 317 38.36 4.15 4.53
CA ARG B 317 39.67 3.57 4.78
C ARG B 317 39.81 2.31 3.94
N GLN B 318 40.90 1.56 4.14
CA GLN B 318 41.16 0.37 3.35
C GLN B 318 41.27 0.75 1.86
N ARG B 319 42.35 1.47 1.57
CA ARG B 319 42.48 2.16 0.28
C ARG B 319 42.15 1.27 -0.92
N THR B 320 42.18 -0.05 -0.77
CA THR B 320 41.74 -0.91 -1.86
C THR B 320 40.32 -0.57 -2.28
N TYR B 321 39.43 -0.40 -1.31
CA TYR B 321 38.08 0.04 -1.64
C TYR B 321 38.08 1.42 -2.26
N ARG B 322 38.95 2.31 -1.78
CA ARG B 322 39.02 3.66 -2.35
C ARG B 322 39.35 3.60 -3.84
N ILE B 323 40.38 2.84 -4.19
CA ILE B 323 40.79 2.78 -5.60
C ILE B 323 39.73 2.06 -6.43
N TRP B 324 39.12 1.02 -5.87
CA TRP B 324 38.05 0.33 -6.57
C TRP B 324 36.91 1.27 -6.88
N ALA B 325 36.48 2.06 -5.89
CA ALA B 325 35.39 3.00 -6.11
C ALA B 325 35.78 4.08 -7.12
N PHE B 326 37.03 4.57 -7.04
CA PHE B 326 37.48 5.55 -8.02
C PHE B 326 37.42 4.99 -9.44
N GLY B 327 37.89 3.75 -9.61
CA GLY B 327 37.86 3.14 -10.93
C GLY B 327 36.46 2.94 -11.45
N ILE B 328 35.56 2.47 -10.59
CA ILE B 328 34.17 2.27 -11.02
C ILE B 328 33.53 3.61 -11.37
N ALA B 329 33.78 4.64 -10.57
CA ALA B 329 33.22 5.95 -10.87
C ALA B 329 33.73 6.48 -12.22
N ALA B 330 35.04 6.33 -12.47
CA ALA B 330 35.58 6.79 -13.74
C ALA B 330 34.99 6.00 -14.90
N ALA B 331 34.82 4.69 -14.74
CA ALA B 331 34.29 3.86 -15.82
C ALA B 331 32.83 4.19 -16.10
N ALA B 332 32.06 4.54 -15.07
CA ALA B 332 30.65 4.80 -15.26
C ALA B 332 30.40 6.04 -16.12
N LEU B 333 31.42 6.87 -16.35
CA LEU B 333 31.24 8.08 -17.14
C LEU B 333 30.81 7.79 -18.57
N GLY B 334 31.03 6.58 -19.06
CA GLY B 334 30.70 6.23 -20.43
C GLY B 334 29.76 5.05 -20.55
N TYR B 335 28.79 4.96 -19.65
CA TYR B 335 27.87 3.82 -19.58
C TYR B 335 26.56 4.06 -20.30
N PHE B 336 25.94 5.23 -20.12
CA PHE B 336 24.61 5.49 -20.64
C PHE B 336 24.62 6.02 -22.07
N VAL B 337 25.78 6.25 -22.67
CA VAL B 337 25.88 6.80 -24.01
C VAL B 337 25.50 5.76 -25.05
N PRO B 338 26.18 4.60 -25.08
CA PRO B 338 26.08 3.72 -26.25
C PRO B 338 24.77 2.98 -26.38
N TYR B 339 23.74 3.35 -25.62
CA TYR B 339 22.41 2.82 -25.81
C TYR B 339 21.46 3.88 -26.36
N VAL B 340 21.27 4.99 -25.65
CA VAL B 340 20.40 6.04 -26.14
C VAL B 340 20.99 6.68 -27.39
N HIS B 341 22.28 7.04 -27.33
CA HIS B 341 22.91 7.62 -28.51
C HIS B 341 23.03 6.61 -29.63
N LEU B 342 23.24 5.34 -29.32
CA LEU B 342 23.29 4.33 -30.36
C LEU B 342 21.96 4.23 -31.10
N MET B 343 20.84 4.21 -30.35
CA MET B 343 19.53 4.19 -30.99
C MET B 343 19.30 5.44 -31.83
N LYS B 344 19.62 6.62 -31.29
CA LYS B 344 19.38 7.84 -32.07
C LYS B 344 20.26 7.87 -33.31
N TYR B 345 21.45 7.30 -33.24
CA TYR B 345 22.38 7.32 -34.36
C TYR B 345 21.99 6.32 -35.44
N VAL B 346 21.47 5.15 -35.04
CA VAL B 346 20.98 4.19 -36.02
C VAL B 346 19.68 4.68 -36.65
N GLU B 347 18.85 5.38 -35.87
CA GLU B 347 17.64 5.96 -36.43
C GLU B 347 17.97 7.08 -37.42
N GLU B 348 18.91 7.95 -37.07
CA GLU B 348 19.27 9.06 -37.95
C GLU B 348 20.13 8.57 -39.11
N GLU B 349 21.29 8.01 -38.81
CA GLU B 349 22.16 7.42 -39.81
C GLU B 349 21.95 5.91 -39.83
N PHE B 350 22.35 5.28 -40.93
CA PHE B 350 22.17 3.83 -41.11
C PHE B 350 20.71 3.49 -41.34
N SER B 351 20.00 4.37 -42.06
CA SER B 351 18.58 4.20 -42.31
C SER B 351 18.37 3.16 -43.41
N GLU B 352 17.16 3.10 -43.96
CA GLU B 352 16.82 2.19 -45.05
C GLU B 352 16.85 0.73 -44.56
N ILE B 353 16.76 0.56 -43.24
CA ILE B 353 16.78 -0.76 -42.61
C ILE B 353 15.42 -0.99 -41.96
N LYS B 354 15.05 -2.27 -41.85
CA LYS B 354 13.70 -2.67 -41.48
C LYS B 354 13.55 -2.73 -39.96
N GLU B 355 13.03 -1.65 -39.38
CA GLU B 355 12.51 -1.62 -38.02
C GLU B 355 13.59 -1.64 -36.95
N THR B 356 14.85 -1.90 -37.34
CA THR B 356 16.01 -1.71 -36.47
C THR B 356 15.80 -2.26 -35.06
N TRP B 357 14.93 -3.26 -34.91
CA TRP B 357 14.67 -3.84 -33.59
C TRP B 357 15.69 -4.92 -33.23
N VAL B 358 16.44 -5.41 -34.21
CA VAL B 358 17.40 -6.48 -33.95
C VAL B 358 18.42 -6.04 -32.91
N LEU B 359 18.92 -4.80 -33.04
CA LEU B 359 19.89 -4.31 -32.08
C LEU B 359 19.35 -4.38 -30.66
N LEU B 360 18.15 -3.85 -30.43
CA LEU B 360 17.61 -3.79 -29.08
C LEU B 360 17.38 -5.20 -28.53
N VAL B 361 16.77 -6.07 -29.34
CA VAL B 361 16.43 -7.40 -28.85
C VAL B 361 17.70 -8.19 -28.54
N CYS B 362 18.70 -8.13 -29.42
CA CYS B 362 19.94 -8.85 -29.17
C CYS B 362 20.66 -8.29 -27.95
N ILE B 363 20.68 -6.96 -27.80
CA ILE B 363 21.29 -6.35 -26.63
C ILE B 363 20.64 -6.91 -25.37
N GLY B 364 19.32 -6.92 -25.32
CA GLY B 364 18.64 -7.39 -24.13
C GLY B 364 18.90 -8.86 -23.85
N ALA B 365 18.78 -9.70 -24.88
CA ALA B 365 18.97 -11.14 -24.68
C ALA B 365 20.38 -11.45 -24.21
N THR B 366 21.38 -10.89 -24.90
CA THR B 366 22.77 -11.16 -24.52
C THR B 366 23.09 -10.55 -23.16
N SER B 367 22.49 -9.41 -22.81
CA SER B 367 22.72 -8.83 -21.49
C SER B 367 22.18 -9.74 -20.40
N GLY B 368 20.98 -10.29 -20.58
CA GLY B 368 20.45 -11.22 -19.60
C GLY B 368 21.30 -12.47 -19.47
N LEU B 369 21.70 -13.05 -20.61
CA LEU B 369 22.53 -14.25 -20.57
C LEU B 369 23.86 -13.95 -19.89
N GLY B 370 24.47 -12.81 -20.20
CA GLY B 370 25.73 -12.45 -19.57
C GLY B 370 25.58 -12.22 -18.08
N ARG B 371 24.48 -11.60 -17.67
CA ARG B 371 24.23 -11.42 -16.24
C ARG B 371 24.20 -12.77 -15.54
N LEU B 372 23.43 -13.72 -16.09
CA LEU B 372 23.34 -15.03 -15.47
C LEU B 372 24.71 -15.71 -15.42
N VAL B 373 25.42 -15.71 -16.55
CA VAL B 373 26.69 -16.42 -16.64
C VAL B 373 27.72 -15.82 -15.69
N SER B 374 27.79 -14.49 -15.63
CA SER B 374 28.75 -13.83 -14.76
C SER B 374 28.40 -14.05 -13.29
N GLY B 375 27.11 -14.00 -12.96
CA GLY B 375 26.72 -14.33 -11.61
C GLY B 375 27.16 -15.73 -11.22
N HIS B 376 27.03 -16.70 -12.13
CA HIS B 376 27.47 -18.05 -11.82
C HIS B 376 28.99 -18.12 -11.66
N ILE B 377 29.73 -17.59 -12.64
CA ILE B 377 31.18 -17.81 -12.67
C ILE B 377 31.86 -17.04 -11.53
N SER B 378 31.37 -15.84 -11.21
CA SER B 378 32.03 -15.05 -10.17
C SER B 378 32.06 -15.81 -8.85
N ASP B 379 31.14 -16.73 -8.63
CA ASP B 379 31.13 -17.54 -7.41
C ASP B 379 32.40 -18.37 -7.27
N SER B 380 33.09 -18.66 -8.37
CA SER B 380 34.22 -19.58 -8.34
C SER B 380 35.53 -18.91 -7.99
N ILE B 381 35.74 -17.66 -8.40
CA ILE B 381 37.03 -17.02 -8.17
C ILE B 381 37.21 -16.77 -6.67
N PRO B 382 38.38 -17.10 -6.09
CA PRO B 382 38.49 -17.10 -4.62
C PRO B 382 38.21 -15.75 -3.95
N GLY B 383 38.98 -14.73 -4.30
CA GLY B 383 38.95 -13.48 -3.57
C GLY B 383 38.92 -12.24 -4.42
N LEU B 384 39.91 -11.35 -4.22
CA LEU B 384 39.97 -10.11 -4.97
C LEU B 384 40.24 -10.34 -6.46
N LYS B 385 40.61 -11.56 -6.84
CA LYS B 385 40.74 -11.87 -8.26
C LYS B 385 39.43 -11.63 -9.00
N LYS B 386 38.31 -11.61 -8.28
CA LYS B 386 37.03 -11.28 -8.91
C LYS B 386 37.12 -9.95 -9.65
N ILE B 387 37.90 -9.01 -9.12
CA ILE B 387 38.01 -7.70 -9.76
C ILE B 387 38.48 -7.84 -11.19
N TYR B 388 39.30 -8.85 -11.49
CA TYR B 388 39.77 -9.03 -12.86
C TYR B 388 38.60 -9.22 -13.81
N LEU B 389 37.57 -9.95 -13.40
CA LEU B 389 36.38 -10.12 -14.24
C LEU B 389 35.86 -8.77 -14.70
N GLN B 390 35.86 -7.77 -13.80
CA GLN B 390 35.47 -6.42 -14.21
C GLN B 390 36.46 -5.86 -15.22
N VAL B 391 37.75 -5.89 -14.89
CA VAL B 391 38.76 -5.27 -15.73
C VAL B 391 38.58 -5.72 -17.18
N LEU B 392 38.68 -7.03 -17.41
CA LEU B 392 38.46 -7.57 -18.74
C LEU B 392 37.23 -6.93 -19.38
N SER B 393 36.07 -7.13 -18.75
CA SER B 393 34.84 -6.61 -19.33
C SER B 393 34.97 -5.13 -19.62
N PHE B 394 35.47 -4.36 -18.65
CA PHE B 394 35.67 -2.93 -18.85
C PHE B 394 36.38 -2.68 -20.17
N LEU B 395 37.56 -3.28 -20.34
CA LEU B 395 38.31 -3.07 -21.57
C LEU B 395 37.42 -3.35 -22.78
N LEU B 396 36.78 -4.52 -22.79
CA LEU B 396 35.92 -4.87 -23.91
C LEU B 396 34.93 -3.76 -24.19
N LEU B 397 34.24 -3.29 -23.16
CA LEU B 397 33.27 -2.22 -23.33
C LEU B 397 33.88 -1.10 -24.16
N GLY B 398 35.01 -0.56 -23.70
CA GLY B 398 35.65 0.51 -24.44
C GLY B 398 35.82 0.17 -25.90
N LEU B 399 36.45 -0.98 -26.17
CA LEU B 399 36.64 -1.40 -27.55
C LEU B 399 35.30 -1.49 -28.27
N MET B 400 34.33 -2.15 -27.65
CA MET B 400 33.03 -2.32 -28.30
C MET B 400 32.35 -1.00 -28.58
N SER B 401 32.77 0.09 -27.92
CA SER B 401 32.30 1.41 -28.31
C SER B 401 33.09 1.96 -29.49
N MET B 402 34.43 1.94 -29.38
CA MET B 402 35.27 2.52 -30.41
C MET B 402 35.14 1.81 -31.75
N MET B 403 34.58 0.61 -31.78
CA MET B 403 34.37 -0.14 -33.02
C MET B 403 32.91 -0.17 -33.43
N ILE B 404 32.09 0.73 -32.91
CA ILE B 404 30.68 0.81 -33.32
C ILE B 404 30.59 1.47 -34.69
N PRO B 405 31.18 2.65 -34.89
CA PRO B 405 30.98 3.38 -36.15
C PRO B 405 31.93 2.98 -37.29
N LEU B 406 32.62 1.85 -37.19
CA LEU B 406 33.58 1.46 -38.22
C LEU B 406 33.02 0.48 -39.24
N CYS B 407 31.75 0.10 -39.13
CA CYS B 407 31.14 -0.87 -40.03
C CYS B 407 30.10 -0.18 -40.90
N ARG B 408 30.20 -0.38 -42.22
CA ARG B 408 29.27 0.25 -43.15
C ARG B 408 27.95 -0.49 -43.26
N ASP B 409 27.88 -1.74 -42.80
CA ASP B 409 26.67 -2.54 -42.86
C ASP B 409 26.25 -2.96 -41.46
N PHE B 410 24.97 -3.34 -41.34
CA PHE B 410 24.42 -3.76 -40.06
C PHE B 410 25.02 -5.08 -39.58
N GLY B 411 25.70 -5.83 -40.45
CA GLY B 411 26.25 -7.10 -40.03
C GLY B 411 27.22 -6.96 -38.87
N GLY B 412 28.13 -6.00 -38.97
CA GLY B 412 29.02 -5.72 -37.86
C GLY B 412 28.30 -5.14 -36.66
N LEU B 413 27.23 -4.37 -36.91
CA LEU B 413 26.47 -3.77 -35.82
C LEU B 413 25.83 -4.83 -34.95
N ILE B 414 25.31 -5.90 -35.56
CA ILE B 414 24.71 -6.97 -34.76
C ILE B 414 25.73 -7.53 -33.78
N VAL B 415 26.94 -7.85 -34.28
CA VAL B 415 27.96 -8.45 -33.43
C VAL B 415 28.41 -7.48 -32.35
N VAL B 416 28.61 -6.20 -32.72
CA VAL B 416 29.10 -5.23 -31.74
C VAL B 416 28.06 -5.03 -30.66
N CYS B 417 26.78 -5.01 -31.03
CA CYS B 417 25.72 -4.87 -30.03
C CYS B 417 25.66 -6.10 -29.13
N LEU B 418 25.83 -7.30 -29.70
CA LEU B 418 25.86 -8.50 -28.88
C LEU B 418 26.97 -8.42 -27.85
N PHE B 419 28.17 -8.04 -28.28
CA PHE B 419 29.30 -7.93 -27.35
C PHE B 419 29.04 -6.85 -26.31
N LEU B 420 28.47 -5.73 -26.73
CA LEU B 420 28.18 -4.64 -25.81
C LEU B 420 27.23 -5.11 -24.70
N GLY B 421 26.16 -5.79 -25.08
CA GLY B 421 25.22 -6.28 -24.08
C GLY B 421 25.84 -7.31 -23.16
N LEU B 422 26.65 -8.22 -23.72
CA LEU B 422 27.30 -9.22 -22.89
C LEU B 422 28.20 -8.56 -21.84
N CYS B 423 29.02 -7.59 -22.26
CA CYS B 423 29.90 -6.91 -21.32
C CYS B 423 29.11 -6.12 -20.29
N ASP B 424 28.03 -5.46 -20.72
CA ASP B 424 27.20 -4.72 -19.78
C ASP B 424 26.66 -5.65 -18.71
N GLY B 425 26.16 -6.82 -19.11
CA GLY B 425 25.65 -7.76 -18.12
C GLY B 425 26.75 -8.22 -17.18
N PHE B 426 27.90 -8.59 -17.74
CA PHE B 426 29.06 -8.95 -16.92
C PHE B 426 29.27 -7.93 -15.82
N PHE B 427 29.50 -6.67 -16.20
CA PHE B 427 29.84 -5.62 -15.24
C PHE B 427 28.72 -5.42 -14.23
N ILE B 428 27.48 -5.32 -14.70
CA ILE B 428 26.36 -5.00 -13.82
C ILE B 428 26.23 -6.07 -12.75
N THR B 429 26.21 -7.34 -13.16
CA THR B 429 26.02 -8.41 -12.18
C THR B 429 27.25 -8.56 -11.29
N ILE B 430 28.44 -8.27 -11.81
CA ILE B 430 29.65 -8.47 -11.02
C ILE B 430 29.75 -7.46 -9.89
N MET B 431 29.28 -6.22 -10.10
CA MET B 431 29.55 -5.14 -9.15
C MET B 431 29.47 -5.54 -7.68
N ALA B 432 28.28 -5.95 -7.21
CA ALA B 432 28.00 -6.01 -5.77
C ALA B 432 28.75 -7.11 -5.02
N PRO B 433 28.83 -8.33 -5.56
CA PRO B 433 29.63 -9.36 -4.87
C PRO B 433 31.03 -8.92 -4.57
N ILE B 434 31.66 -8.15 -5.46
CA ILE B 434 33.00 -7.66 -5.21
C ILE B 434 33.00 -6.71 -4.02
N ALA B 435 31.99 -5.85 -3.91
CA ALA B 435 31.90 -4.96 -2.76
C ALA B 435 31.79 -5.75 -1.46
N PHE B 436 30.92 -6.77 -1.46
CA PHE B 436 30.75 -7.57 -0.25
C PHE B 436 32.03 -8.29 0.12
N GLU B 437 32.75 -8.82 -0.89
CA GLU B 437 34.03 -9.48 -0.61
C GLU B 437 35.05 -8.48 -0.08
N LEU B 438 35.04 -7.27 -0.62
CA LEU B 438 36.05 -6.26 -0.25
C LEU B 438 35.86 -5.81 1.19
N VAL B 439 34.68 -5.26 1.49
CA VAL B 439 34.47 -4.59 2.78
C VAL B 439 33.82 -5.50 3.81
N GLY B 440 33.45 -6.72 3.46
CA GLY B 440 32.81 -7.61 4.38
C GLY B 440 31.32 -7.35 4.45
N PRO B 441 30.58 -8.21 5.17
CA PRO B 441 29.11 -8.08 5.19
C PRO B 441 28.60 -6.97 6.09
N MET B 442 29.31 -6.71 7.20
CA MET B 442 28.82 -5.73 8.17
C MET B 442 28.74 -4.34 7.54
N GLN B 443 29.76 -3.94 6.80
CA GLN B 443 29.82 -2.61 6.21
C GLN B 443 29.70 -2.65 4.69
N ALA B 444 28.98 -3.64 4.16
CA ALA B 444 28.72 -3.68 2.72
C ALA B 444 27.64 -2.68 2.32
N SER B 445 26.69 -2.40 3.20
CA SER B 445 25.64 -1.44 2.88
C SER B 445 26.23 -0.06 2.64
N GLN B 446 27.14 0.38 3.51
CA GLN B 446 27.77 1.68 3.33
C GLN B 446 28.60 1.71 2.05
N ALA B 447 29.34 0.63 1.78
CA ALA B 447 30.15 0.59 0.57
C ALA B 447 29.27 0.70 -0.68
N ILE B 448 28.17 -0.06 -0.71
CA ILE B 448 27.28 -0.02 -1.86
C ILE B 448 26.67 1.37 -2.01
N GLY B 449 26.21 1.95 -0.90
CA GLY B 449 25.58 3.25 -0.97
C GLY B 449 26.52 4.33 -1.47
N TYR B 450 27.75 4.36 -0.94
CA TYR B 450 28.70 5.38 -1.35
C TYR B 450 29.19 5.15 -2.77
N LEU B 451 29.32 3.88 -3.19
CA LEU B 451 29.68 3.62 -4.58
C LEU B 451 28.60 4.13 -5.52
N LEU B 452 27.33 3.89 -5.18
CA LEU B 452 26.24 4.41 -6.00
C LEU B 452 26.25 5.93 -6.03
N GLY B 453 26.48 6.55 -4.87
CA GLY B 453 26.55 8.01 -4.83
C GLY B 453 27.66 8.55 -5.71
N MET B 454 28.82 7.89 -5.69
CA MET B 454 29.93 8.34 -6.53
C MET B 454 29.62 8.15 -8.00
N MET B 455 29.03 7.02 -8.38
CA MET B 455 28.62 6.81 -9.76
C MET B 455 27.51 7.75 -10.19
N ALA B 456 26.81 8.37 -9.23
CA ALA B 456 25.69 9.25 -9.57
C ALA B 456 26.08 10.30 -10.61
N LEU B 457 27.19 11.00 -10.37
CA LEU B 457 27.50 12.17 -11.21
C LEU B 457 27.98 11.77 -12.60
N PRO B 458 28.99 10.91 -12.75
CA PRO B 458 29.40 10.54 -14.12
C PRO B 458 28.28 9.96 -14.95
N MET B 459 27.37 9.21 -14.33
CA MET B 459 26.28 8.59 -15.08
C MET B 459 25.40 9.65 -15.74
N ILE B 460 25.09 10.72 -15.01
CA ILE B 460 24.27 11.78 -15.57
C ILE B 460 25.08 12.73 -16.44
N ALA B 461 26.40 12.79 -16.26
CA ALA B 461 27.22 13.70 -17.03
C ALA B 461 27.68 13.11 -18.36
N GLY B 462 27.60 11.79 -18.53
CA GLY B 462 28.07 11.17 -19.75
C GLY B 462 27.27 11.54 -20.98
N PRO B 463 25.99 11.15 -21.01
CA PRO B 463 25.18 11.38 -22.21
C PRO B 463 25.12 12.85 -22.60
N PRO B 464 25.01 13.76 -21.63
CA PRO B 464 25.07 15.19 -22.00
C PRO B 464 26.34 15.56 -22.72
N ILE B 465 27.49 15.05 -22.26
CA ILE B 465 28.76 15.37 -22.93
C ILE B 465 28.79 14.75 -24.32
N ALA B 466 28.27 13.53 -24.46
CA ALA B 466 28.22 12.91 -25.78
C ALA B 466 27.38 13.74 -26.74
N GLY B 467 26.21 14.21 -26.28
CA GLY B 467 25.36 15.02 -27.12
C GLY B 467 26.00 16.36 -27.47
N LEU B 468 26.66 16.98 -26.49
CA LEU B 468 27.33 18.25 -26.73
C LEU B 468 28.43 18.09 -27.78
N LEU B 469 29.22 17.03 -27.67
CA LEU B 469 30.27 16.79 -28.66
C LEU B 469 29.69 16.50 -30.03
N ARG B 470 28.61 15.73 -30.09
CA ARG B 470 27.96 15.47 -31.38
C ARG B 470 27.48 16.76 -32.01
N ASN B 471 26.87 17.64 -31.22
CA ASN B 471 26.42 18.93 -31.74
C ASN B 471 27.59 19.77 -32.22
N CYS B 472 28.68 19.80 -31.45
CA CYS B 472 29.81 20.64 -31.81
C CYS B 472 30.48 20.17 -33.08
N PHE B 473 30.68 18.86 -33.22
CA PHE B 473 31.35 18.31 -34.40
C PHE B 473 30.37 17.90 -35.49
N GLY B 474 29.13 17.56 -35.11
CA GLY B 474 28.14 17.11 -36.05
C GLY B 474 28.19 15.62 -36.37
N ASP B 475 29.14 14.89 -35.80
CA ASP B 475 29.29 13.47 -36.06
C ASP B 475 29.34 12.71 -34.74
N TYR B 476 28.84 11.47 -34.76
CA TYR B 476 28.80 10.63 -33.57
C TYR B 476 30.13 9.94 -33.28
N HIS B 477 31.11 10.05 -34.19
CA HIS B 477 32.37 9.35 -34.01
C HIS B 477 33.05 9.76 -32.71
N VAL B 478 33.21 11.07 -32.50
CA VAL B 478 33.88 11.55 -31.29
C VAL B 478 33.07 11.18 -30.06
N ALA B 479 31.74 11.25 -30.15
CA ALA B 479 30.90 10.87 -29.03
C ALA B 479 31.18 9.43 -28.60
N PHE B 480 31.23 8.52 -29.58
CA PHE B 480 31.44 7.12 -29.23
C PHE B 480 32.87 6.87 -28.75
N TYR B 481 33.86 7.57 -29.32
CA TYR B 481 35.23 7.42 -28.85
C TYR B 481 35.35 7.84 -27.39
N PHE B 482 34.77 8.99 -27.06
CA PHE B 482 34.82 9.48 -25.68
C PHE B 482 33.96 8.66 -24.75
N ALA B 483 32.93 7.97 -25.28
CA ALA B 483 32.22 7.01 -24.46
C ALA B 483 33.06 5.78 -24.17
N GLY B 484 33.90 5.37 -25.12
CA GLY B 484 34.69 4.16 -24.94
C GLY B 484 35.93 4.35 -24.09
N VAL B 485 36.52 5.54 -24.09
CA VAL B 485 37.78 5.75 -23.35
C VAL B 485 37.62 5.56 -21.85
N PRO B 486 36.63 6.16 -21.18
CA PRO B 486 36.57 6.09 -19.72
C PRO B 486 36.51 4.65 -19.22
N PRO B 487 35.79 3.76 -19.92
CA PRO B 487 35.87 2.35 -19.52
C PRO B 487 37.29 1.82 -19.50
N ILE B 488 38.12 2.22 -20.46
CA ILE B 488 39.50 1.73 -20.48
C ILE B 488 40.30 2.32 -19.32
N ILE B 489 40.08 3.61 -19.02
CA ILE B 489 40.78 4.21 -17.89
C ILE B 489 40.42 3.48 -16.59
N GLY B 490 39.11 3.24 -16.40
CA GLY B 490 38.68 2.48 -15.23
C GLY B 490 39.22 1.07 -15.23
N ALA B 491 39.37 0.46 -16.41
CA ALA B 491 39.97 -0.86 -16.48
C ALA B 491 41.39 -0.85 -15.97
N VAL B 492 42.17 0.17 -16.36
CA VAL B 492 43.55 0.25 -15.88
C VAL B 492 43.58 0.42 -14.37
N ILE B 493 42.73 1.31 -13.84
CA ILE B 493 42.73 1.54 -12.40
C ILE B 493 42.36 0.25 -11.66
N LEU B 494 41.30 -0.41 -12.10
CA LEU B 494 40.87 -1.64 -11.45
C LEU B 494 41.90 -2.75 -11.60
N PHE B 495 42.65 -2.75 -12.71
CA PHE B 495 43.73 -3.72 -12.85
C PHE B 495 44.80 -3.49 -11.79
N PHE B 496 45.13 -2.22 -11.55
CA PHE B 496 46.12 -1.93 -10.51
C PHE B 496 45.58 -2.23 -9.11
N VAL B 497 44.26 -2.18 -8.93
CA VAL B 497 43.65 -2.37 -7.61
C VAL B 497 44.15 -3.65 -6.94
N PRO B 498 43.86 -4.85 -7.49
CA PRO B 498 44.12 -6.08 -6.73
C PRO B 498 45.59 -6.37 -6.47
N LEU B 499 46.51 -5.59 -7.04
CA LEU B 499 47.93 -5.84 -6.81
C LEU B 499 48.30 -5.64 -5.34
N MET B 500 47.45 -4.98 -4.56
CA MET B 500 47.72 -4.74 -3.15
C MET B 500 46.60 -5.34 -2.29
#